data_3TF4
#
_entry.id   3TF4
#
_cell.length_a   145.680
_cell.length_b   145.680
_cell.length_c   157.080
_cell.angle_alpha   90.00
_cell.angle_beta   90.00
_cell.angle_gamma   90.00
#
_symmetry.space_group_name_H-M   'P 41 21 2'
#
loop_
_entity.id
_entity.type
_entity.pdbx_description
1 polymer 'T. FUSCA ENDO/EXO-CELLULASE E4 CATALYTIC DOMAIN AND CELLULOSE-BINDING DOMAIN'
2 branched beta-D-glucopyranose-(1-4)-beta-D-glucopyranose-(1-4)-beta-D-glucopyranose
3 non-polymer beta-D-glucopyranose
4 non-polymer 'CALCIUM ION'
5 water water
#
_entity_poly.entity_id   1
_entity_poly.type   'polypeptide(L)'
_entity_poly.pdbx_seq_one_letter_code
;EPAFNYAEALQKSMFFYEAQRSGKLPENNRVSWRGDSGLNDGADVGLDLTGGWYDAGDHVKFGFPMAFTATMLAWGAIES
PEGYIRSGQMPYLKDNLRWVNDYFIKAHPSPNVLYVQVGDGDADHKWWGPAEVMPMERPSFKVDPSCPGSDVAAETAAAM
AASSIVFADDDPAYAATLVQHAKQLYTFADTYRGVYSDCVPAGAFYNSWSGYQDELVWGAYWLYKATGDDSYLAKAEYEY
DFLSTEQQTDLRSYRWTIAWDDKSYGTYVLLAKETGKQKYIDDANRWLDYWTVGVNGQRVPYSPGGMAVLDTWGALRYAA
NTAFVALVYAKVIDDPVRKQRYHDFAVRQINYALGDNPRNSSYVVGFGNNPPRNPHHRTAHGSWTDSIASPAENRHVLYG
ALVGGPGSPNDAYTDDRQDYVANEVATDYNAGFSSALAMLVEEYGGTPLADFPPTEEPDGPEIFVEAQINTPGTTFTEIK
AMIRNQSGWPARMLDKGTFRYWFTLDEGVDPADITVSSAYNQCATPEDVHHVSGDLYYVEIDCTGEKIFPGGQSEHRREV
QFRIAGGPGWDPSNDWSFQGIGNELAPAPYIVLYDDGVPVWGTAP
;
_entity_poly.pdbx_strand_id   A,B
#
loop_
_chem_comp.id
_chem_comp.type
_chem_comp.name
_chem_comp.formula
BGC D-saccharide, beta linking beta-D-glucopyranose 'C6 H12 O6'
CA non-polymer 'CALCIUM ION' 'Ca 2'
#
# COMPACT_ATOMS: atom_id res chain seq x y z
N GLU A 1 12.60 -15.23 -57.53
CA GLU A 1 11.60 -14.32 -56.90
C GLU A 1 10.86 -15.05 -55.78
N PRO A 2 10.62 -14.37 -54.66
CA PRO A 2 9.94 -14.93 -53.48
C PRO A 2 8.49 -15.31 -53.79
N ALA A 3 7.96 -16.23 -53.00
CA ALA A 3 6.58 -16.68 -53.17
C ALA A 3 5.63 -15.58 -52.74
N PHE A 4 6.01 -14.86 -51.69
CA PHE A 4 5.20 -13.77 -51.19
C PHE A 4 6.15 -12.63 -50.94
N ASN A 5 5.69 -11.41 -51.17
CA ASN A 5 6.56 -10.26 -50.98
C ASN A 5 6.79 -9.98 -49.51
N TYR A 6 7.69 -10.72 -48.89
CA TYR A 6 7.99 -10.54 -47.46
C TYR A 6 8.39 -9.12 -47.07
N ALA A 7 8.81 -8.32 -48.04
CA ALA A 7 9.23 -6.95 -47.73
C ALA A 7 8.03 -6.03 -47.56
N GLU A 8 6.95 -6.33 -48.27
CA GLU A 8 5.72 -5.56 -48.22
C GLU A 8 5.04 -5.91 -46.91
N ALA A 9 5.06 -7.19 -46.56
CA ALA A 9 4.46 -7.63 -45.32
C ALA A 9 5.14 -6.95 -44.15
N LEU A 10 6.47 -7.02 -44.12
CA LEU A 10 7.24 -6.40 -43.06
C LEU A 10 6.97 -4.92 -43.01
N GLN A 11 6.83 -4.30 -44.16
CA GLN A 11 6.56 -2.87 -44.26
C GLN A 11 5.21 -2.51 -43.68
N LYS A 12 4.23 -3.37 -43.89
CA LYS A 12 2.90 -3.13 -43.38
C LYS A 12 2.81 -3.49 -41.91
N SER A 13 3.70 -4.35 -41.45
CA SER A 13 3.74 -4.77 -40.05
C SER A 13 4.18 -3.61 -39.18
N MET A 14 5.09 -2.79 -39.68
CA MET A 14 5.58 -1.65 -38.91
C MET A 14 4.50 -0.57 -38.85
N PHE A 15 3.59 -0.57 -39.81
CA PHE A 15 2.50 0.40 -39.84
C PHE A 15 1.53 0.04 -38.74
N PHE A 16 1.39 -1.26 -38.49
CA PHE A 16 0.53 -1.80 -37.45
C PHE A 16 0.92 -1.14 -36.15
N TYR A 17 2.15 -1.40 -35.74
CA TYR A 17 2.69 -0.87 -34.51
C TYR A 17 2.57 0.63 -34.34
N GLU A 18 2.31 1.34 -35.44
CA GLU A 18 2.19 2.79 -35.38
C GLU A 18 0.73 3.17 -35.18
N ALA A 19 -0.17 2.23 -35.47
CA ALA A 19 -1.58 2.46 -35.30
C ALA A 19 -2.00 2.02 -33.92
N GLN A 20 -1.03 1.48 -33.18
CA GLN A 20 -1.28 1.01 -31.83
C GLN A 20 -0.72 1.98 -30.82
N ARG A 21 -0.10 3.03 -31.32
CA ARG A 21 0.48 4.05 -30.48
C ARG A 21 -0.58 4.75 -29.65
N SER A 22 -0.16 5.25 -28.49
CA SER A 22 -1.03 5.96 -27.58
C SER A 22 -0.32 7.24 -27.19
N GLY A 23 -1.05 8.18 -26.62
CA GLY A 23 -0.44 9.44 -26.23
C GLY A 23 -0.46 10.43 -27.37
N LYS A 24 0.32 11.50 -27.22
CA LYS A 24 0.37 12.54 -28.24
C LYS A 24 1.21 12.10 -29.41
N LEU A 25 0.55 11.85 -30.54
CA LEU A 25 1.26 11.42 -31.74
C LEU A 25 2.06 12.57 -32.36
N PRO A 26 3.14 12.24 -33.07
CA PRO A 26 4.04 13.20 -33.72
C PRO A 26 3.42 13.84 -34.94
N GLU A 27 4.10 14.85 -35.49
CA GLU A 27 3.64 15.54 -36.69
C GLU A 27 3.74 14.61 -37.89
N ASN A 28 4.76 13.78 -37.89
CA ASN A 28 5.02 12.84 -38.97
C ASN A 28 4.09 11.63 -39.04
N ASN A 29 3.04 11.62 -38.22
CA ASN A 29 2.10 10.51 -38.14
C ASN A 29 1.67 9.94 -39.50
N ARG A 30 1.89 8.64 -39.70
CA ARG A 30 1.52 8.03 -40.97
C ARG A 30 0.10 7.46 -41.03
N VAL A 31 -0.49 7.26 -39.86
CA VAL A 31 -1.85 6.74 -39.77
C VAL A 31 -2.77 7.96 -39.65
N SER A 32 -3.45 8.31 -40.71
CA SER A 32 -4.32 9.48 -40.71
C SER A 32 -5.58 9.35 -39.87
N TRP A 33 -5.95 8.13 -39.54
CA TRP A 33 -7.14 7.91 -38.75
C TRP A 33 -6.91 7.78 -37.26
N ARG A 34 -5.70 8.09 -36.81
CA ARG A 34 -5.35 8.04 -35.40
C ARG A 34 -5.08 9.45 -34.90
N GLY A 35 -5.45 9.73 -33.66
CA GLY A 35 -5.24 11.06 -33.12
C GLY A 35 -4.71 10.91 -31.72
N ASP A 36 -4.65 11.98 -30.95
CA ASP A 36 -4.14 11.93 -29.59
C ASP A 36 -5.14 11.24 -28.70
N SER A 37 -4.67 10.36 -27.82
CA SER A 37 -5.53 9.62 -26.92
C SER A 37 -4.72 9.28 -25.68
N GLY A 38 -5.38 8.93 -24.58
CA GLY A 38 -4.67 8.59 -23.36
C GLY A 38 -3.76 9.70 -22.90
N LEU A 39 -4.28 10.92 -22.95
CA LEU A 39 -3.51 12.09 -22.57
C LEU A 39 -3.46 12.36 -21.10
N ASN A 40 -4.29 11.68 -20.31
CA ASN A 40 -4.28 11.89 -18.87
C ASN A 40 -3.76 10.67 -18.16
N ASP A 41 -3.12 9.79 -18.91
CA ASP A 41 -2.56 8.58 -18.35
C ASP A 41 -1.47 8.93 -17.36
N GLY A 42 -1.67 8.53 -16.12
CA GLY A 42 -0.71 8.80 -15.08
C GLY A 42 -1.19 9.86 -14.11
N ALA A 43 -2.11 10.70 -14.54
CA ALA A 43 -2.63 11.76 -13.70
C ALA A 43 -3.00 11.30 -12.30
N ASP A 44 -3.59 10.12 -12.18
CA ASP A 44 -3.98 9.64 -10.86
C ASP A 44 -2.85 9.46 -9.86
N VAL A 45 -1.63 9.29 -10.36
CA VAL A 45 -0.46 9.11 -9.50
C VAL A 45 0.57 10.22 -9.63
N GLY A 46 0.24 11.27 -10.38
CA GLY A 46 1.14 12.39 -10.53
C GLY A 46 2.33 12.22 -11.44
N LEU A 47 2.22 11.28 -12.37
CA LEU A 47 3.31 11.02 -13.30
C LEU A 47 2.79 11.13 -14.71
N ASP A 48 3.72 11.12 -15.67
CA ASP A 48 3.36 11.17 -17.07
C ASP A 48 3.60 9.78 -17.57
N LEU A 49 2.53 9.04 -17.81
CA LEU A 49 2.64 7.68 -18.30
C LEU A 49 1.97 7.62 -19.65
N THR A 50 2.08 8.71 -20.39
CA THR A 50 1.50 8.80 -21.72
C THR A 50 2.50 8.19 -22.68
N GLY A 51 1.99 7.53 -23.71
CA GLY A 51 2.84 6.90 -24.70
C GLY A 51 2.56 5.42 -24.62
N GLY A 52 3.38 4.61 -25.26
CA GLY A 52 3.18 3.19 -25.21
C GLY A 52 2.34 2.66 -26.33
N TRP A 53 1.95 1.40 -26.21
CA TRP A 53 1.17 0.72 -27.22
C TRP A 53 -0.04 0.12 -26.56
N TYR A 54 -1.17 0.17 -27.24
CA TYR A 54 -2.35 -0.49 -26.70
C TYR A 54 -2.06 -1.93 -27.05
N ASP A 55 -2.36 -2.84 -26.13
CA ASP A 55 -2.11 -4.25 -26.33
C ASP A 55 -2.76 -4.91 -27.55
N ALA A 56 -4.09 -4.96 -27.60
CA ALA A 56 -4.78 -5.61 -28.70
C ALA A 56 -5.81 -4.74 -29.39
N GLY A 57 -7.04 -5.24 -29.46
CA GLY A 57 -8.10 -4.47 -30.06
C GLY A 57 -8.78 -3.63 -29.02
N ASP A 58 -8.15 -3.55 -27.85
CA ASP A 58 -8.64 -2.80 -26.71
C ASP A 58 -7.68 -1.66 -26.45
N HIS A 59 -7.90 -0.93 -25.36
CA HIS A 59 -7.05 0.22 -25.06
C HIS A 59 -6.30 0.17 -23.75
N VAL A 60 -6.21 -1.00 -23.15
CA VAL A 60 -5.49 -1.15 -21.90
C VAL A 60 -4.05 -1.34 -22.33
N LYS A 61 -3.13 -0.70 -21.60
CA LYS A 61 -1.72 -0.79 -21.89
C LYS A 61 -1.11 -1.78 -20.93
N PHE A 62 -1.03 -3.05 -21.34
CA PHE A 62 -0.49 -4.13 -20.54
C PHE A 62 1.02 -4.20 -20.66
N GLY A 63 1.74 -4.05 -19.57
CA GLY A 63 3.18 -4.04 -19.63
C GLY A 63 3.94 -5.32 -19.82
N PHE A 64 3.35 -6.47 -19.48
CA PHE A 64 4.07 -7.72 -19.66
C PHE A 64 4.25 -8.01 -21.15
N PRO A 65 3.16 -8.19 -21.91
CA PRO A 65 3.33 -8.49 -23.33
C PRO A 65 3.93 -7.36 -24.15
N MET A 66 3.81 -6.14 -23.67
CA MET A 66 4.35 -5.00 -24.40
C MET A 66 5.86 -5.02 -24.31
N ALA A 67 6.37 -5.58 -23.22
CA ALA A 67 7.81 -5.68 -23.03
C ALA A 67 8.32 -6.79 -23.91
N PHE A 68 7.62 -7.91 -23.92
CA PHE A 68 8.01 -9.06 -24.74
C PHE A 68 8.06 -8.65 -26.19
N THR A 69 7.02 -7.99 -26.66
CA THR A 69 6.94 -7.50 -28.04
C THR A 69 8.15 -6.66 -28.39
N ALA A 70 8.62 -5.86 -27.44
CA ALA A 70 9.76 -5.03 -27.70
C ALA A 70 11.03 -5.86 -27.80
N THR A 71 11.15 -6.92 -27.00
CA THR A 71 12.33 -7.76 -27.04
C THR A 71 12.41 -8.65 -28.27
N MET A 72 11.26 -9.11 -28.73
CA MET A 72 11.20 -9.96 -29.91
C MET A 72 11.46 -9.12 -31.17
N LEU A 73 10.99 -7.89 -31.15
CA LEU A 73 11.16 -6.98 -32.27
C LEU A 73 12.61 -6.56 -32.36
N ALA A 74 13.26 -6.39 -31.21
CA ALA A 74 14.66 -6.02 -31.21
C ALA A 74 15.47 -7.24 -31.62
N TRP A 75 15.26 -8.37 -30.94
CA TRP A 75 15.99 -9.61 -31.24
C TRP A 75 16.06 -9.88 -32.74
N GLY A 76 14.95 -9.69 -33.43
CA GLY A 76 14.92 -9.94 -34.86
C GLY A 76 15.72 -8.98 -35.69
N ALA A 77 15.92 -7.78 -35.17
CA ALA A 77 16.67 -6.73 -35.85
C ALA A 77 18.15 -6.86 -35.53
N ILE A 78 18.47 -7.75 -34.61
CA ILE A 78 19.85 -8.01 -34.23
C ILE A 78 20.30 -9.21 -35.03
N GLU A 79 19.39 -10.15 -35.25
CA GLU A 79 19.69 -11.36 -36.02
C GLU A 79 19.79 -11.03 -37.50
N SER A 80 18.94 -10.13 -37.96
CA SER A 80 18.91 -9.74 -39.35
C SER A 80 18.70 -8.26 -39.56
N PRO A 81 19.74 -7.45 -39.36
CA PRO A 81 19.61 -6.03 -39.68
C PRO A 81 19.50 -5.84 -41.19
N GLU A 82 20.16 -6.69 -41.95
CA GLU A 82 20.12 -6.61 -43.40
C GLU A 82 18.70 -6.74 -43.93
N GLY A 83 17.89 -7.54 -43.26
CA GLY A 83 16.51 -7.74 -43.69
C GLY A 83 15.72 -6.46 -43.51
N TYR A 84 15.94 -5.79 -42.40
CA TYR A 84 15.23 -4.54 -42.15
C TYR A 84 15.74 -3.41 -43.05
N ILE A 85 16.99 -3.48 -43.46
CA ILE A 85 17.55 -2.46 -44.34
C ILE A 85 17.03 -2.63 -45.75
N ARG A 86 17.08 -3.84 -46.28
CA ARG A 86 16.61 -4.11 -47.64
C ARG A 86 15.16 -3.72 -47.90
N SER A 87 14.29 -3.95 -46.93
CA SER A 87 12.89 -3.61 -47.10
C SER A 87 12.62 -2.13 -46.85
N GLY A 88 13.67 -1.41 -46.51
CA GLY A 88 13.56 0.02 -46.24
C GLY A 88 12.80 0.30 -44.95
N GLN A 89 12.70 -0.71 -44.09
CA GLN A 89 11.95 -0.56 -42.84
C GLN A 89 12.77 -0.35 -41.58
N MET A 90 14.09 -0.26 -41.71
CA MET A 90 14.96 -0.05 -40.56
C MET A 90 14.67 1.25 -39.84
N PRO A 91 14.40 2.35 -40.60
CA PRO A 91 14.09 3.59 -39.91
C PRO A 91 12.76 3.57 -39.18
N TYR A 92 11.90 2.62 -39.54
CA TYR A 92 10.59 2.50 -38.91
C TYR A 92 10.67 1.64 -37.68
N LEU A 93 11.40 0.53 -37.76
CA LEU A 93 11.58 -0.36 -36.63
C LEU A 93 12.17 0.44 -35.49
N LYS A 94 13.20 1.22 -35.80
CA LYS A 94 13.86 2.05 -34.81
C LYS A 94 12.94 3.11 -34.24
N ASP A 95 11.96 3.52 -35.04
CA ASP A 95 11.00 4.54 -34.63
C ASP A 95 9.96 3.92 -33.70
N ASN A 96 9.71 2.62 -33.86
CA ASN A 96 8.75 1.91 -33.02
C ASN A 96 9.38 1.51 -31.71
N LEU A 97 10.59 0.96 -31.76
CA LEU A 97 11.27 0.54 -30.55
C LEU A 97 11.54 1.75 -29.68
N ARG A 98 11.78 2.90 -30.31
CA ARG A 98 12.05 4.11 -29.56
C ARG A 98 10.80 4.61 -28.90
N TRP A 99 9.65 4.36 -29.52
CA TRP A 99 8.39 4.81 -28.98
C TRP A 99 8.02 4.03 -27.72
N VAL A 100 8.21 2.72 -27.76
CA VAL A 100 7.89 1.88 -26.61
C VAL A 100 8.93 2.00 -25.50
N ASN A 101 10.20 2.16 -25.86
CA ASN A 101 11.26 2.32 -24.86
C ASN A 101 11.16 3.66 -24.12
N ASP A 102 10.71 4.70 -24.80
CA ASP A 102 10.54 6.00 -24.16
C ASP A 102 9.52 5.86 -23.05
N TYR A 103 8.55 4.99 -23.25
CA TYR A 103 7.50 4.78 -22.25
C TYR A 103 8.02 3.98 -21.08
N PHE A 104 8.87 3.00 -21.34
CA PHE A 104 9.44 2.18 -20.28
C PHE A 104 10.32 3.02 -19.38
N ILE A 105 10.73 4.17 -19.88
CA ILE A 105 11.55 5.11 -19.13
C ILE A 105 10.62 5.98 -18.30
N LYS A 106 9.56 6.45 -18.92
CA LYS A 106 8.58 7.28 -18.23
C LYS A 106 8.02 6.50 -17.04
N ALA A 107 7.79 5.21 -17.27
CA ALA A 107 7.22 4.31 -16.29
C ALA A 107 8.18 3.73 -15.27
N HIS A 108 9.40 4.24 -15.23
CA HIS A 108 10.40 3.77 -14.28
C HIS A 108 10.96 4.98 -13.55
N PRO A 109 10.15 5.61 -12.68
CA PRO A 109 10.51 6.84 -11.98
C PRO A 109 11.64 6.68 -10.99
N SER A 110 11.88 5.46 -10.55
CA SER A 110 12.96 5.17 -9.62
C SER A 110 13.35 3.70 -9.84
N PRO A 111 14.58 3.32 -9.47
CA PRO A 111 15.09 1.97 -9.70
C PRO A 111 14.20 0.77 -9.42
N ASN A 112 13.57 0.73 -8.25
CA ASN A 112 12.71 -0.41 -7.89
C ASN A 112 11.22 -0.17 -8.03
N VAL A 113 10.82 0.68 -8.96
CA VAL A 113 9.41 0.97 -9.18
C VAL A 113 9.13 0.98 -10.67
N LEU A 114 8.24 0.10 -11.10
CA LEU A 114 7.87 0.01 -12.52
C LEU A 114 6.36 0.00 -12.68
N TYR A 115 5.85 0.81 -13.60
CA TYR A 115 4.41 0.86 -13.86
C TYR A 115 4.15 -0.13 -14.95
N VAL A 116 3.32 -1.11 -14.64
CA VAL A 116 3.02 -2.19 -15.57
C VAL A 116 1.63 -2.21 -16.18
N GLN A 117 0.80 -1.21 -15.88
CA GLN A 117 -0.53 -1.20 -16.47
C GLN A 117 -1.18 0.15 -16.35
N VAL A 118 -2.00 0.50 -17.33
CA VAL A 118 -2.69 1.77 -17.32
C VAL A 118 -4.01 1.41 -17.96
N GLY A 119 -5.05 1.34 -17.14
CA GLY A 119 -6.35 0.98 -17.66
C GLY A 119 -6.87 -0.22 -16.91
N ASP A 120 -8.17 -0.28 -16.72
CA ASP A 120 -8.77 -1.40 -16.03
C ASP A 120 -9.27 -2.27 -17.16
N GLY A 121 -8.97 -3.56 -17.12
CA GLY A 121 -9.39 -4.44 -18.18
C GLY A 121 -10.87 -4.59 -18.37
N ASP A 122 -11.64 -4.58 -17.29
CA ASP A 122 -13.08 -4.72 -17.43
C ASP A 122 -13.80 -3.45 -17.83
N ALA A 123 -13.37 -2.33 -17.26
CA ALA A 123 -13.99 -1.05 -17.57
C ALA A 123 -13.75 -0.75 -19.02
N ASP A 124 -12.56 -1.09 -19.48
CA ASP A 124 -12.13 -0.83 -20.86
C ASP A 124 -12.85 -1.64 -21.90
N HIS A 125 -13.08 -2.91 -21.61
CA HIS A 125 -13.73 -3.81 -22.55
C HIS A 125 -15.23 -3.66 -22.63
N LYS A 126 -15.82 -2.94 -21.69
CA LYS A 126 -17.28 -2.74 -21.70
C LYS A 126 -17.72 -1.70 -22.72
N TRP A 127 -16.76 -0.98 -23.29
CA TRP A 127 -17.03 0.06 -24.26
C TRP A 127 -16.41 -0.25 -25.59
N TRP A 128 -17.15 -0.05 -26.69
CA TRP A 128 -16.63 -0.29 -28.02
C TRP A 128 -16.58 1.01 -28.77
N GLY A 129 -15.38 1.57 -28.97
CA GLY A 129 -15.30 2.81 -29.70
C GLY A 129 -13.88 3.29 -29.85
N PRO A 130 -13.65 4.33 -30.66
CA PRO A 130 -12.33 4.90 -30.93
C PRO A 130 -11.59 5.27 -29.65
N ALA A 131 -10.27 5.10 -29.67
CA ALA A 131 -9.44 5.43 -28.51
C ALA A 131 -9.29 6.92 -28.28
N GLU A 132 -9.74 7.74 -29.22
CA GLU A 132 -9.60 9.17 -29.09
C GLU A 132 -10.68 9.82 -28.24
N VAL A 133 -11.69 9.04 -27.88
CA VAL A 133 -12.79 9.55 -27.09
C VAL A 133 -13.15 8.67 -25.92
N MET A 134 -12.21 7.84 -25.49
CA MET A 134 -12.43 6.96 -24.35
C MET A 134 -12.97 7.75 -23.19
N PRO A 135 -14.21 7.45 -22.76
CA PRO A 135 -14.87 8.20 -21.70
C PRO A 135 -14.63 7.70 -20.27
N MET A 136 -14.01 6.55 -20.12
CA MET A 136 -13.78 6.01 -18.78
C MET A 136 -12.46 6.40 -18.16
N GLU A 137 -12.34 6.19 -16.86
CA GLU A 137 -11.14 6.52 -16.13
C GLU A 137 -10.16 5.38 -16.31
N ARG A 138 -8.89 5.71 -16.39
CA ARG A 138 -7.84 4.73 -16.60
C ARG A 138 -6.83 4.77 -15.45
N PRO A 139 -6.92 3.82 -14.51
CA PRO A 139 -6.05 3.72 -13.34
C PRO A 139 -4.67 3.23 -13.75
N SER A 140 -3.65 3.57 -12.97
CA SER A 140 -2.29 3.16 -13.25
C SER A 140 -1.87 2.24 -12.12
N PHE A 141 -1.28 1.09 -12.45
CA PHE A 141 -0.85 0.12 -11.45
C PHE A 141 0.66 -0.08 -11.55
N LYS A 142 1.28 -0.55 -10.49
CA LYS A 142 2.72 -0.71 -10.49
C LYS A 142 3.16 -1.84 -9.60
N VAL A 143 4.47 -2.12 -9.64
CA VAL A 143 5.09 -3.15 -8.84
C VAL A 143 6.34 -2.52 -8.22
N ASP A 144 6.56 -2.78 -6.94
CA ASP A 144 7.72 -2.25 -6.21
C ASP A 144 8.08 -3.31 -5.17
N PRO A 145 9.09 -3.05 -4.32
CA PRO A 145 9.44 -4.03 -3.29
C PRO A 145 8.26 -4.49 -2.40
N SER A 146 7.27 -3.62 -2.21
CA SER A 146 6.11 -3.95 -1.39
C SER A 146 5.26 -5.04 -2.02
N CYS A 147 5.29 -5.10 -3.34
CA CYS A 147 4.54 -6.11 -4.09
C CYS A 147 5.35 -6.16 -5.37
N PRO A 148 6.26 -7.12 -5.45
CA PRO A 148 7.16 -7.19 -6.59
C PRO A 148 6.59 -7.91 -7.79
N GLY A 149 7.39 -7.99 -8.84
CA GLY A 149 6.95 -8.66 -10.04
C GLY A 149 8.16 -8.91 -10.88
N SER A 150 8.88 -9.98 -10.58
CA SER A 150 10.09 -10.35 -11.29
C SER A 150 9.92 -10.63 -12.78
N ASP A 151 8.76 -11.16 -13.16
CA ASP A 151 8.52 -11.49 -14.56
C ASP A 151 8.41 -10.29 -15.47
N VAL A 152 7.58 -9.33 -15.10
CA VAL A 152 7.40 -8.14 -15.90
C VAL A 152 8.60 -7.19 -15.81
N ALA A 153 9.31 -7.24 -14.69
CA ALA A 153 10.47 -6.37 -14.51
C ALA A 153 11.68 -6.86 -15.30
N ALA A 154 11.97 -8.14 -15.23
CA ALA A 154 13.11 -8.72 -15.95
C ALA A 154 12.88 -8.69 -17.46
N GLU A 155 11.62 -8.62 -17.86
CA GLU A 155 11.28 -8.57 -19.26
C GLU A 155 11.48 -7.15 -19.77
N THR A 156 11.13 -6.16 -18.95
CA THR A 156 11.31 -4.77 -19.35
C THR A 156 12.79 -4.47 -19.42
N ALA A 157 13.58 -5.24 -18.69
CA ALA A 157 15.03 -5.07 -18.68
C ALA A 157 15.58 -5.71 -19.95
N ALA A 158 15.10 -6.92 -20.23
CA ALA A 158 15.50 -7.65 -21.40
C ALA A 158 15.22 -6.82 -22.63
N ALA A 159 14.10 -6.11 -22.61
CA ALA A 159 13.66 -5.27 -23.73
C ALA A 159 14.50 -4.03 -23.96
N MET A 160 14.79 -3.33 -22.88
CA MET A 160 15.58 -2.10 -22.94
C MET A 160 17.02 -2.43 -23.28
N ALA A 161 17.44 -3.62 -22.85
CA ALA A 161 18.80 -4.08 -23.08
C ALA A 161 18.95 -4.51 -24.53
N ALA A 162 18.05 -5.35 -25.01
CA ALA A 162 18.09 -5.82 -26.37
C ALA A 162 17.98 -4.68 -27.37
N SER A 163 17.29 -3.62 -26.97
CA SER A 163 17.10 -2.46 -27.84
C SER A 163 18.32 -1.58 -27.91
N SER A 164 19.10 -1.57 -26.84
CA SER A 164 20.28 -0.72 -26.78
C SER A 164 21.29 -1.19 -27.81
N ILE A 165 21.21 -2.46 -28.18
CA ILE A 165 22.10 -3.02 -29.17
C ILE A 165 21.73 -2.49 -30.57
N VAL A 166 20.46 -2.13 -30.74
CA VAL A 166 19.96 -1.61 -32.01
C VAL A 166 20.33 -0.14 -32.16
N PHE A 167 20.26 0.62 -31.06
CA PHE A 167 20.59 2.05 -31.10
C PHE A 167 22.06 2.36 -30.82
N ALA A 168 22.81 1.37 -30.35
CA ALA A 168 24.22 1.51 -30.02
C ALA A 168 25.05 2.45 -30.90
N ASP A 169 24.98 2.26 -32.20
CA ASP A 169 25.76 3.08 -33.14
C ASP A 169 25.09 4.38 -33.52
N ASP A 170 23.77 4.36 -33.63
CA ASP A 170 23.00 5.54 -34.02
C ASP A 170 22.92 6.59 -32.93
N ASP A 171 22.50 6.16 -31.75
CA ASP A 171 22.34 7.06 -30.62
C ASP A 171 22.97 6.45 -29.37
N PRO A 172 24.30 6.49 -29.27
CA PRO A 172 25.02 5.86 -28.15
C PRO A 172 24.59 6.37 -26.78
N ALA A 173 24.13 7.62 -26.72
CA ALA A 173 23.70 8.21 -25.47
C ALA A 173 22.39 7.58 -25.01
N TYR A 174 21.47 7.40 -25.96
CA TYR A 174 20.17 6.81 -25.67
C TYR A 174 20.37 5.35 -25.30
N ALA A 175 21.27 4.69 -26.02
CA ALA A 175 21.56 3.29 -25.76
C ALA A 175 22.05 3.10 -24.33
N ALA A 176 22.94 3.98 -23.88
CA ALA A 176 23.49 3.89 -22.53
C ALA A 176 22.39 4.05 -21.50
N THR A 177 21.48 4.96 -21.76
CA THR A 177 20.36 5.23 -20.88
C THR A 177 19.47 4.01 -20.68
N LEU A 178 19.31 3.20 -21.72
CA LEU A 178 18.47 2.00 -21.64
C LEU A 178 19.19 0.93 -20.86
N VAL A 179 20.48 0.75 -21.13
CA VAL A 179 21.26 -0.25 -20.43
C VAL A 179 21.22 0.05 -18.92
N GLN A 180 21.30 1.32 -18.57
CA GLN A 180 21.27 1.75 -17.17
C GLN A 180 19.96 1.32 -16.50
N HIS A 181 18.85 1.71 -17.10
CA HIS A 181 17.52 1.36 -16.58
C HIS A 181 17.38 -0.15 -16.50
N ALA A 182 17.87 -0.83 -17.53
CA ALA A 182 17.79 -2.27 -17.62
C ALA A 182 18.49 -2.97 -16.47
N LYS A 183 19.60 -2.41 -16.02
CA LYS A 183 20.36 -3.00 -14.92
C LYS A 183 19.57 -2.90 -13.65
N GLN A 184 18.96 -1.75 -13.44
CA GLN A 184 18.16 -1.52 -12.26
C GLN A 184 16.92 -2.41 -12.23
N LEU A 185 16.29 -2.61 -13.39
CA LEU A 185 15.10 -3.44 -13.45
C LEU A 185 15.42 -4.91 -13.23
N TYR A 186 16.63 -5.33 -13.59
CA TYR A 186 16.98 -6.73 -13.37
C TYR A 186 17.38 -6.96 -11.93
N THR A 187 17.99 -5.96 -11.30
CA THR A 187 18.37 -6.09 -9.89
C THR A 187 17.11 -6.14 -9.05
N PHE A 188 16.16 -5.28 -9.38
CA PHE A 188 14.87 -5.20 -8.71
C PHE A 188 14.18 -6.55 -8.83
N ALA A 189 14.25 -7.16 -10.00
CA ALA A 189 13.62 -8.45 -10.24
C ALA A 189 14.27 -9.65 -9.56
N ASP A 190 15.56 -9.56 -9.33
CA ASP A 190 16.29 -10.65 -8.71
C ASP A 190 16.25 -10.51 -7.19
N THR A 191 16.27 -9.27 -6.72
CA THR A 191 16.26 -9.03 -5.27
C THR A 191 14.88 -9.26 -4.66
N TYR A 192 13.86 -8.74 -5.32
CA TYR A 192 12.49 -8.87 -4.84
C TYR A 192 11.75 -9.83 -5.74
N ARG A 193 11.69 -11.09 -5.33
CA ARG A 193 11.03 -12.12 -6.11
C ARG A 193 9.51 -12.12 -5.97
N GLY A 194 8.82 -12.30 -7.09
CA GLY A 194 7.36 -12.32 -7.06
C GLY A 194 6.71 -12.40 -8.43
N VAL A 195 5.44 -12.78 -8.43
CA VAL A 195 4.65 -12.92 -9.65
C VAL A 195 3.82 -11.64 -9.78
N TYR A 196 4.10 -10.83 -10.78
CA TYR A 196 3.40 -9.56 -10.98
C TYR A 196 1.88 -9.60 -10.98
N SER A 197 1.30 -10.72 -11.41
CA SER A 197 -0.15 -10.86 -11.46
C SER A 197 -0.79 -11.04 -10.10
N ASP A 198 0.04 -11.06 -9.06
CA ASP A 198 -0.46 -11.20 -7.71
C ASP A 198 -0.62 -9.78 -7.13
N CYS A 199 -0.07 -8.80 -7.84
CA CYS A 199 -0.09 -7.41 -7.40
C CYS A 199 -0.89 -6.44 -8.25
N VAL A 200 -1.03 -6.73 -9.53
CA VAL A 200 -1.81 -5.86 -10.41
C VAL A 200 -2.93 -6.71 -10.98
N PRO A 201 -4.11 -6.11 -11.22
CA PRO A 201 -5.27 -6.87 -11.66
C PRO A 201 -5.24 -7.23 -13.14
N ALA A 202 -4.26 -8.05 -13.51
CA ALA A 202 -4.10 -8.47 -14.90
C ALA A 202 -4.22 -9.96 -15.06
N GLY A 203 -4.42 -10.67 -13.96
CA GLY A 203 -4.54 -12.12 -14.01
C GLY A 203 -5.58 -12.72 -14.93
N ALA A 204 -6.56 -11.94 -15.35
CA ALA A 204 -7.60 -12.48 -16.21
C ALA A 204 -7.31 -12.24 -17.67
N PHE A 205 -6.13 -11.69 -17.95
CA PHE A 205 -5.76 -11.38 -19.32
C PHE A 205 -4.36 -11.87 -19.61
N TYR A 206 -3.41 -11.43 -18.78
CA TYR A 206 -2.02 -11.79 -18.93
C TYR A 206 -1.45 -12.26 -17.60
N ASN A 207 -1.96 -13.39 -17.14
CA ASN A 207 -1.53 -13.96 -15.87
C ASN A 207 -0.18 -14.61 -16.06
N SER A 208 0.62 -14.63 -15.02
CA SER A 208 1.94 -15.23 -15.09
C SER A 208 1.79 -16.72 -14.85
N TRP A 209 1.47 -17.47 -15.91
CA TRP A 209 1.30 -18.91 -15.84
C TRP A 209 2.58 -19.73 -15.63
N SER A 210 3.69 -19.27 -16.22
CA SER A 210 4.96 -19.98 -16.09
C SER A 210 5.74 -19.55 -14.87
N GLY A 211 5.52 -18.31 -14.44
CA GLY A 211 6.26 -17.80 -13.32
C GLY A 211 7.37 -16.92 -13.85
N TYR A 212 8.30 -16.54 -12.99
CA TYR A 212 9.42 -15.68 -13.35
C TYR A 212 10.74 -16.35 -13.62
N GLN A 213 10.86 -17.63 -13.30
CA GLN A 213 12.12 -18.33 -13.49
C GLN A 213 12.65 -18.20 -14.92
N ASP A 214 11.72 -18.12 -15.88
CA ASP A 214 12.07 -18.00 -17.29
C ASP A 214 12.54 -16.59 -17.69
N GLU A 215 12.02 -15.58 -17.01
CA GLU A 215 12.38 -14.21 -17.30
C GLU A 215 13.69 -13.79 -16.63
N LEU A 216 14.18 -14.63 -15.72
CA LEU A 216 15.42 -14.34 -15.00
C LEU A 216 16.61 -14.76 -15.82
N VAL A 217 16.41 -15.78 -16.64
CA VAL A 217 17.43 -16.32 -17.53
C VAL A 217 17.37 -15.42 -18.77
N TRP A 218 16.15 -15.21 -19.25
CA TRP A 218 15.91 -14.39 -20.42
C TRP A 218 16.45 -12.99 -20.22
N GLY A 219 16.19 -12.42 -19.04
CA GLY A 219 16.65 -11.08 -18.75
C GLY A 219 18.15 -10.94 -18.63
N ALA A 220 18.78 -11.97 -18.07
CA ALA A 220 20.23 -11.98 -17.86
C ALA A 220 20.97 -12.10 -19.17
N TYR A 221 20.56 -13.05 -20.00
CA TYR A 221 21.19 -13.26 -21.29
C TYR A 221 21.23 -11.95 -22.08
N TRP A 222 20.17 -11.17 -22.00
CA TRP A 222 20.14 -9.91 -22.75
C TRP A 222 20.99 -8.80 -22.18
N LEU A 223 21.17 -8.77 -20.85
CA LEU A 223 22.02 -7.77 -20.25
C LEU A 223 23.45 -8.16 -20.58
N TYR A 224 23.69 -9.46 -20.70
CA TYR A 224 25.00 -9.99 -21.05
C TYR A 224 25.41 -9.46 -22.42
N LYS A 225 24.50 -9.52 -23.38
CA LYS A 225 24.76 -9.04 -24.73
C LYS A 225 24.92 -7.54 -24.84
N ALA A 226 24.19 -6.83 -24.00
CA ALA A 226 24.19 -5.37 -24.00
C ALA A 226 25.38 -4.75 -23.30
N THR A 227 25.82 -5.39 -22.22
CA THR A 227 26.93 -4.89 -21.43
C THR A 227 28.23 -5.63 -21.75
N GLY A 228 28.13 -6.94 -21.89
CA GLY A 228 29.31 -7.74 -22.19
C GLY A 228 29.84 -8.28 -20.88
N ASP A 229 29.18 -7.94 -19.78
CA ASP A 229 29.58 -8.37 -18.46
C ASP A 229 29.40 -9.88 -18.34
N ASP A 230 30.51 -10.60 -18.25
CA ASP A 230 30.50 -12.06 -18.16
C ASP A 230 29.68 -12.60 -16.99
N SER A 231 29.53 -11.79 -15.94
CA SER A 231 28.78 -12.22 -14.77
C SER A 231 27.33 -12.48 -15.11
N TYR A 232 26.81 -11.78 -16.11
CA TYR A 232 25.42 -11.95 -16.52
C TYR A 232 25.21 -13.27 -17.21
N LEU A 233 26.20 -13.73 -17.98
CA LEU A 233 26.08 -15.01 -18.65
C LEU A 233 26.14 -16.09 -17.60
N ALA A 234 26.97 -15.87 -16.58
CA ALA A 234 27.11 -16.80 -15.49
C ALA A 234 25.77 -16.93 -14.79
N LYS A 235 25.14 -15.78 -14.60
CA LYS A 235 23.83 -15.68 -13.96
C LYS A 235 22.76 -16.41 -14.74
N ALA A 236 22.80 -16.27 -16.06
CA ALA A 236 21.84 -16.90 -16.96
C ALA A 236 21.96 -18.41 -16.98
N GLU A 237 23.20 -18.89 -17.11
CA GLU A 237 23.48 -20.32 -17.12
C GLU A 237 23.15 -20.97 -15.80
N TYR A 238 23.34 -20.23 -14.70
CA TYR A 238 23.04 -20.76 -13.38
C TYR A 238 21.54 -20.95 -13.19
N GLU A 239 20.77 -19.94 -13.57
CA GLU A 239 19.32 -19.97 -13.44
C GLU A 239 18.65 -20.93 -14.41
N TYR A 240 19.38 -21.31 -15.43
CA TYR A 240 18.88 -22.22 -16.45
C TYR A 240 18.47 -23.60 -15.94
N ASP A 241 19.10 -24.05 -14.86
CA ASP A 241 18.80 -25.37 -14.30
C ASP A 241 17.49 -25.47 -13.50
N PHE A 242 16.86 -24.34 -13.23
CA PHE A 242 15.63 -24.35 -12.46
C PHE A 242 14.40 -24.13 -13.33
N LEU A 243 14.57 -24.16 -14.65
CA LEU A 243 13.46 -23.98 -15.56
C LEU A 243 12.53 -25.16 -15.40
N SER A 244 11.26 -24.95 -15.69
CA SER A 244 10.25 -25.99 -15.55
C SER A 244 10.53 -27.26 -16.35
N THR A 245 10.49 -28.40 -15.67
CA THR A 245 10.68 -29.68 -16.32
C THR A 245 9.31 -30.06 -16.83
N GLU A 246 9.16 -31.24 -17.42
CA GLU A 246 7.85 -31.61 -17.92
C GLU A 246 7.22 -32.79 -17.18
N GLN A 247 5.91 -32.67 -16.94
CA GLN A 247 5.10 -33.66 -16.27
C GLN A 247 5.78 -34.53 -15.20
N GLN A 248 6.49 -35.57 -15.63
CA GLN A 248 7.14 -36.47 -14.69
C GLN A 248 8.65 -36.61 -14.93
N THR A 249 9.07 -36.41 -16.17
CA THR A 249 10.48 -36.54 -16.53
C THR A 249 11.30 -35.34 -16.10
N ASP A 250 12.63 -35.49 -16.15
CA ASP A 250 13.55 -34.42 -15.78
C ASP A 250 13.90 -33.61 -17.02
N LEU A 251 13.18 -33.85 -18.11
CA LEU A 251 13.40 -33.16 -19.37
C LEU A 251 12.71 -31.81 -19.26
N ARG A 252 13.36 -30.76 -19.75
CA ARG A 252 12.76 -29.44 -19.70
C ARG A 252 11.61 -29.34 -20.69
N SER A 253 10.57 -28.59 -20.31
CA SER A 253 9.40 -28.41 -21.15
C SER A 253 9.72 -28.25 -22.62
N TYR A 254 8.97 -28.98 -23.46
CA TYR A 254 9.17 -28.93 -24.90
C TYR A 254 7.88 -28.94 -25.71
N ARG A 255 6.74 -28.94 -25.05
CA ARG A 255 5.44 -29.01 -25.73
C ARG A 255 4.71 -27.73 -26.07
N TRP A 256 5.30 -26.59 -25.78
CA TRP A 256 4.65 -25.33 -26.07
C TRP A 256 5.60 -24.52 -26.95
N THR A 257 5.64 -23.21 -26.78
CA THR A 257 6.52 -22.39 -27.59
C THR A 257 6.76 -21.10 -26.85
N ILE A 258 7.57 -20.23 -27.43
CA ILE A 258 7.90 -18.99 -26.79
C ILE A 258 6.83 -17.98 -27.13
N ALA A 259 6.33 -17.31 -26.11
CA ALA A 259 5.30 -16.32 -26.28
C ALA A 259 5.43 -15.41 -25.09
N TRP A 260 4.65 -14.33 -25.06
CA TRP A 260 4.72 -13.35 -23.98
C TRP A 260 4.93 -13.83 -22.54
N ASP A 261 4.73 -15.12 -22.28
CA ASP A 261 4.85 -15.62 -20.91
C ASP A 261 5.97 -16.60 -20.59
N ASP A 262 6.32 -17.44 -21.55
CA ASP A 262 7.35 -18.43 -21.32
C ASP A 262 8.51 -18.21 -22.25
N LYS A 263 9.62 -17.73 -21.71
CA LYS A 263 10.77 -17.49 -22.55
C LYS A 263 11.80 -18.61 -22.51
N SER A 264 11.46 -19.70 -21.83
CA SER A 264 12.34 -20.85 -21.73
C SER A 264 12.88 -21.28 -23.08
N TYR A 265 11.97 -21.41 -24.03
CA TYR A 265 12.30 -21.87 -25.36
C TYR A 265 13.24 -20.96 -26.10
N GLY A 266 13.21 -19.68 -25.79
CA GLY A 266 14.12 -18.77 -26.46
C GLY A 266 15.51 -19.00 -25.91
N THR A 267 15.60 -19.21 -24.59
CA THR A 267 16.88 -19.42 -23.93
C THR A 267 17.56 -20.71 -24.38
N TYR A 268 16.78 -21.70 -24.79
CA TYR A 268 17.33 -22.96 -25.29
C TYR A 268 18.24 -22.65 -26.46
N VAL A 269 17.69 -21.94 -27.44
CA VAL A 269 18.39 -21.55 -28.66
C VAL A 269 19.40 -20.44 -28.42
N LEU A 270 19.09 -19.52 -27.51
CA LEU A 270 20.01 -18.42 -27.24
C LEU A 270 21.30 -18.83 -26.56
N LEU A 271 21.22 -19.67 -25.53
CA LEU A 271 22.44 -20.08 -24.86
C LEU A 271 23.22 -21.05 -25.71
N ALA A 272 22.52 -21.88 -26.50
CA ALA A 272 23.16 -22.86 -27.37
C ALA A 272 23.97 -22.14 -28.42
N LYS A 273 23.45 -21.00 -28.85
CA LYS A 273 24.11 -20.18 -29.85
C LYS A 273 25.32 -19.47 -29.27
N GLU A 274 25.24 -19.14 -27.99
CA GLU A 274 26.33 -18.44 -27.31
C GLU A 274 27.43 -19.36 -26.84
N THR A 275 27.08 -20.37 -26.04
CA THR A 275 28.09 -21.29 -25.52
C THR A 275 28.40 -22.46 -26.44
N GLY A 276 27.36 -23.02 -27.04
CA GLY A 276 27.56 -24.15 -27.92
C GLY A 276 27.56 -25.45 -27.14
N LYS A 277 27.12 -25.39 -25.88
CA LYS A 277 27.08 -26.56 -25.01
C LYS A 277 25.97 -27.51 -25.40
N GLN A 278 26.28 -28.80 -25.34
CA GLN A 278 25.34 -29.86 -25.69
C GLN A 278 24.08 -29.77 -24.86
N LYS A 279 24.22 -29.32 -23.62
CA LYS A 279 23.11 -29.15 -22.67
C LYS A 279 21.91 -28.41 -23.28
N TYR A 280 22.20 -27.28 -23.89
CA TYR A 280 21.20 -26.42 -24.50
C TYR A 280 20.77 -26.95 -25.86
N ILE A 281 21.74 -27.38 -26.65
CA ILE A 281 21.48 -27.94 -27.98
C ILE A 281 20.45 -29.07 -27.92
N ASP A 282 20.51 -29.87 -26.86
CA ASP A 282 19.58 -30.96 -26.68
C ASP A 282 18.17 -30.47 -26.42
N ASP A 283 18.07 -29.41 -25.64
CA ASP A 283 16.76 -28.85 -25.34
C ASP A 283 16.15 -28.24 -26.59
N ALA A 284 16.93 -27.40 -27.27
CA ALA A 284 16.45 -26.74 -28.46
C ALA A 284 16.05 -27.76 -29.50
N ASN A 285 16.72 -28.91 -29.48
CA ASN A 285 16.45 -30.00 -30.42
C ASN A 285 15.15 -30.74 -30.13
N ARG A 286 14.93 -31.05 -28.86
CA ARG A 286 13.74 -31.78 -28.42
C ARG A 286 12.52 -30.91 -28.62
N TRP A 287 12.69 -29.61 -28.41
CA TRP A 287 11.60 -28.65 -28.58
C TRP A 287 11.23 -28.57 -30.04
N LEU A 288 12.17 -28.14 -30.87
CA LEU A 288 11.91 -27.99 -32.29
C LEU A 288 11.56 -29.26 -33.02
N ASP A 289 11.82 -30.41 -32.40
CA ASP A 289 11.50 -31.69 -33.02
C ASP A 289 10.02 -31.96 -32.81
N TYR A 290 9.51 -31.61 -31.63
CA TYR A 290 8.11 -31.82 -31.31
C TYR A 290 7.21 -31.02 -32.26
N TRP A 291 7.78 -29.98 -32.84
CA TRP A 291 7.04 -29.12 -33.77
C TRP A 291 7.21 -29.54 -35.23
N THR A 292 8.04 -30.54 -35.48
CA THR A 292 8.31 -31.00 -36.83
C THR A 292 8.04 -32.48 -37.04
N VAL A 293 8.98 -33.32 -36.62
CA VAL A 293 8.85 -34.78 -36.78
C VAL A 293 8.22 -35.44 -35.57
N GLY A 294 8.37 -34.81 -34.42
CA GLY A 294 7.80 -35.32 -33.18
C GLY A 294 8.85 -35.95 -32.29
N VAL A 295 8.46 -36.20 -31.04
CA VAL A 295 9.35 -36.84 -30.07
C VAL A 295 8.55 -37.83 -29.25
N ASN A 296 9.03 -39.07 -29.21
CA ASN A 296 8.39 -40.15 -28.47
C ASN A 296 7.00 -40.48 -28.98
N GLY A 297 6.71 -40.07 -30.23
CA GLY A 297 5.41 -40.35 -30.81
C GLY A 297 4.44 -39.19 -30.73
N GLN A 298 4.78 -38.19 -29.93
CA GLN A 298 3.96 -37.01 -29.76
C GLN A 298 4.42 -35.93 -30.74
N ARG A 299 3.47 -35.19 -31.29
CA ARG A 299 3.78 -34.15 -32.26
C ARG A 299 2.71 -33.08 -32.14
N VAL A 300 3.10 -31.82 -32.34
CA VAL A 300 2.18 -30.71 -32.24
C VAL A 300 1.08 -30.95 -33.28
N PRO A 301 -0.16 -30.58 -32.96
CA PRO A 301 -1.21 -30.80 -33.96
C PRO A 301 -0.94 -30.05 -35.26
N TYR A 302 -1.30 -30.68 -36.36
CA TYR A 302 -1.11 -30.13 -37.70
C TYR A 302 -2.41 -30.32 -38.44
N SER A 303 -2.77 -29.35 -39.28
CA SER A 303 -4.00 -29.42 -40.06
C SER A 303 -3.65 -29.94 -41.44
N PRO A 304 -4.60 -30.57 -42.15
CA PRO A 304 -4.30 -31.08 -43.48
C PRO A 304 -3.66 -30.05 -44.40
N GLY A 305 -3.82 -28.77 -44.08
CA GLY A 305 -3.26 -27.72 -44.90
C GLY A 305 -1.80 -27.38 -44.61
N GLY A 306 -1.29 -27.85 -43.49
CA GLY A 306 0.11 -27.60 -43.16
C GLY A 306 0.40 -26.63 -42.06
N MET A 307 -0.60 -26.29 -41.26
CA MET A 307 -0.42 -25.35 -40.17
C MET A 307 -0.25 -26.06 -38.85
N ALA A 308 0.65 -25.53 -38.01
CA ALA A 308 0.89 -26.09 -36.69
C ALA A 308 -0.04 -25.36 -35.75
N VAL A 309 -1.03 -26.08 -35.23
CA VAL A 309 -2.01 -25.50 -34.35
C VAL A 309 -1.72 -25.87 -32.91
N LEU A 310 -1.17 -24.94 -32.14
CA LEU A 310 -0.84 -25.22 -30.74
C LEU A 310 -2.00 -24.98 -29.79
N ASP A 311 -2.82 -23.97 -30.07
CA ASP A 311 -3.96 -23.65 -29.21
C ASP A 311 -4.97 -22.86 -30.01
N THR A 312 -6.17 -22.67 -29.45
CA THR A 312 -7.22 -21.94 -30.12
C THR A 312 -7.03 -20.46 -30.23
N TRP A 313 -6.45 -19.88 -29.20
CA TRP A 313 -6.26 -18.46 -29.15
C TRP A 313 -4.92 -18.03 -29.72
N GLY A 314 -4.95 -17.32 -30.84
CA GLY A 314 -3.74 -16.83 -31.47
C GLY A 314 -2.86 -17.89 -32.09
N ALA A 315 -3.47 -18.89 -32.71
CA ALA A 315 -2.72 -19.98 -33.31
C ALA A 315 -1.58 -19.52 -34.21
N LEU A 316 -1.87 -18.68 -35.19
CA LEU A 316 -0.82 -18.22 -36.11
C LEU A 316 0.33 -17.52 -35.41
N ARG A 317 0.04 -16.90 -34.28
CA ARG A 317 1.07 -16.19 -33.53
C ARG A 317 2.05 -17.19 -32.98
N TYR A 318 1.52 -18.28 -32.41
CA TYR A 318 2.35 -19.33 -31.86
C TYR A 318 3.23 -19.95 -32.93
N ALA A 319 2.63 -20.31 -34.06
CA ALA A 319 3.37 -20.91 -35.15
C ALA A 319 4.41 -19.95 -35.70
N ALA A 320 4.12 -18.66 -35.63
CA ALA A 320 5.01 -17.61 -36.13
C ALA A 320 6.19 -17.40 -35.19
N ASN A 321 5.95 -17.55 -33.90
CA ASN A 321 7.01 -17.39 -32.90
C ASN A 321 8.00 -18.52 -33.04
N THR A 322 7.50 -19.71 -33.31
CA THR A 322 8.35 -20.88 -33.46
C THR A 322 9.10 -20.80 -34.77
N ALA A 323 8.47 -20.20 -35.78
CA ALA A 323 9.07 -20.05 -37.09
C ALA A 323 10.27 -19.13 -37.07
N PHE A 324 10.27 -18.17 -36.18
CA PHE A 324 11.39 -17.25 -36.06
C PHE A 324 12.53 -17.90 -35.28
N VAL A 325 12.23 -18.45 -34.12
CA VAL A 325 13.28 -19.08 -33.33
C VAL A 325 13.87 -20.27 -34.05
N ALA A 326 13.10 -20.88 -34.95
CA ALA A 326 13.57 -22.02 -35.72
C ALA A 326 14.58 -21.58 -36.77
N LEU A 327 14.36 -20.40 -37.35
CA LEU A 327 15.25 -19.87 -38.38
C LEU A 327 16.58 -19.44 -37.79
N VAL A 328 16.56 -19.01 -36.53
CA VAL A 328 17.77 -18.57 -35.83
C VAL A 328 18.60 -19.81 -35.47
N TYR A 329 17.93 -20.85 -34.98
CA TYR A 329 18.61 -22.08 -34.61
C TYR A 329 19.13 -22.80 -35.85
N ALA A 330 18.41 -22.66 -36.97
CA ALA A 330 18.80 -23.27 -38.23
C ALA A 330 20.18 -22.82 -38.72
N LYS A 331 20.64 -21.68 -38.23
CA LYS A 331 21.95 -21.16 -38.63
C LYS A 331 23.08 -21.64 -37.73
N VAL A 332 22.79 -21.88 -36.45
CA VAL A 332 23.81 -22.30 -35.50
C VAL A 332 24.04 -23.80 -35.38
N ILE A 333 23.05 -24.61 -35.73
CA ILE A 333 23.23 -26.05 -35.65
C ILE A 333 23.94 -26.50 -36.93
N ASP A 334 24.85 -27.45 -36.80
CA ASP A 334 25.61 -27.94 -37.95
C ASP A 334 24.97 -29.08 -38.72
N ASP A 335 24.14 -29.86 -38.04
CA ASP A 335 23.45 -31.00 -38.65
C ASP A 335 22.63 -30.61 -39.86
N PRO A 336 23.04 -31.05 -41.06
CA PRO A 336 22.37 -30.74 -42.33
C PRO A 336 20.90 -31.12 -42.38
N VAL A 337 20.55 -32.24 -41.74
CA VAL A 337 19.17 -32.70 -41.75
C VAL A 337 18.30 -31.85 -40.83
N ARG A 338 18.82 -31.53 -39.64
CA ARG A 338 18.07 -30.72 -38.70
C ARG A 338 17.95 -29.30 -39.21
N LYS A 339 19.04 -28.79 -39.77
CA LYS A 339 19.07 -27.45 -40.34
C LYS A 339 18.00 -27.27 -41.40
N GLN A 340 17.89 -28.25 -42.29
CA GLN A 340 16.91 -28.20 -43.37
C GLN A 340 15.51 -28.23 -42.79
N ARG A 341 15.29 -29.14 -41.86
CA ARG A 341 13.99 -29.34 -41.20
C ARG A 341 13.43 -28.08 -40.57
N TYR A 342 14.23 -27.45 -39.72
CA TYR A 342 13.80 -26.26 -39.01
C TYR A 342 13.58 -25.12 -39.97
N HIS A 343 14.48 -24.93 -40.91
CA HIS A 343 14.35 -23.84 -41.88
C HIS A 343 13.07 -24.02 -42.70
N ASP A 344 12.90 -25.20 -43.27
CA ASP A 344 11.74 -25.47 -44.10
C ASP A 344 10.45 -25.32 -43.32
N PHE A 345 10.45 -25.74 -42.05
CA PHE A 345 9.29 -25.65 -41.19
C PHE A 345 8.86 -24.20 -41.03
N ALA A 346 9.84 -23.35 -40.82
CA ALA A 346 9.61 -21.93 -40.60
C ALA A 346 9.05 -21.21 -41.79
N VAL A 347 9.60 -21.48 -42.97
CA VAL A 347 9.14 -20.81 -44.18
C VAL A 347 7.73 -21.25 -44.51
N ARG A 348 7.44 -22.51 -44.26
CA ARG A 348 6.11 -23.05 -44.52
C ARG A 348 5.05 -22.40 -43.62
N GLN A 349 5.40 -22.21 -42.35
CA GLN A 349 4.47 -21.61 -41.41
C GLN A 349 4.20 -20.14 -41.70
N ILE A 350 5.20 -19.43 -42.20
CA ILE A 350 5.02 -18.03 -42.51
C ILE A 350 4.26 -17.92 -43.81
N ASN A 351 4.61 -18.77 -44.76
CA ASN A 351 3.93 -18.80 -46.06
C ASN A 351 2.47 -19.10 -45.92
N TYR A 352 2.12 -19.89 -44.91
CA TYR A 352 0.72 -20.25 -44.65
C TYR A 352 -0.06 -19.03 -44.24
N ALA A 353 0.56 -18.21 -43.40
CA ALA A 353 -0.04 -16.98 -42.89
C ALA A 353 -0.15 -15.91 -43.95
N LEU A 354 0.75 -15.96 -44.92
CA LEU A 354 0.73 -14.99 -46.00
C LEU A 354 -0.13 -15.39 -47.18
N GLY A 355 -0.71 -16.58 -47.15
CA GLY A 355 -1.58 -16.99 -48.25
C GLY A 355 -1.50 -18.42 -48.76
N ASP A 356 -0.43 -19.12 -48.47
CA ASP A 356 -0.27 -20.49 -48.95
C ASP A 356 -1.04 -21.46 -48.09
N ASN A 357 -2.36 -21.47 -48.20
CA ASN A 357 -3.16 -22.37 -47.38
C ASN A 357 -4.35 -22.84 -48.19
N PRO A 358 -5.20 -23.72 -47.62
CA PRO A 358 -6.38 -24.21 -48.33
C PRO A 358 -7.38 -23.14 -48.74
N ARG A 359 -7.36 -22.01 -48.05
CA ARG A 359 -8.28 -20.93 -48.35
C ARG A 359 -7.68 -19.98 -49.35
N ASN A 360 -6.39 -20.14 -49.60
CA ASN A 360 -5.66 -19.32 -50.58
C ASN A 360 -5.80 -17.85 -50.24
N SER A 361 -6.08 -17.58 -48.98
CA SER A 361 -6.27 -16.22 -48.50
C SER A 361 -5.25 -15.82 -47.45
N SER A 362 -4.93 -14.54 -47.41
CA SER A 362 -3.98 -14.03 -46.46
C SER A 362 -4.58 -13.94 -45.07
N TYR A 363 -3.72 -13.76 -44.07
CA TYR A 363 -4.16 -13.68 -42.68
C TYR A 363 -3.57 -12.43 -42.06
N VAL A 364 -2.97 -11.59 -42.90
CA VAL A 364 -2.34 -10.35 -42.51
C VAL A 364 -3.27 -9.31 -43.12
N VAL A 365 -3.96 -8.53 -42.30
CA VAL A 365 -4.88 -7.54 -42.80
C VAL A 365 -4.17 -6.57 -43.73
N GLY A 366 -4.78 -6.31 -44.88
CA GLY A 366 -4.20 -5.40 -45.85
C GLY A 366 -3.14 -5.98 -46.76
N PHE A 367 -2.87 -7.27 -46.62
CA PHE A 367 -1.87 -7.88 -47.45
C PHE A 367 -2.35 -9.16 -48.08
N GLY A 368 -2.04 -9.33 -49.36
CA GLY A 368 -2.38 -10.55 -50.08
C GLY A 368 -3.71 -10.71 -50.76
N ASN A 369 -4.12 -11.95 -50.94
CA ASN A 369 -5.38 -12.25 -51.58
C ASN A 369 -6.41 -12.56 -50.52
N ASN A 370 -7.57 -11.92 -50.63
CA ASN A 370 -8.65 -12.15 -49.69
C ASN A 370 -8.25 -11.99 -48.22
N PRO A 371 -7.59 -10.88 -47.88
CA PRO A 371 -7.19 -10.68 -46.49
C PRO A 371 -8.39 -10.37 -45.64
N PRO A 372 -8.24 -10.45 -44.29
CA PRO A 372 -9.37 -10.13 -43.43
C PRO A 372 -9.71 -8.65 -43.60
N ARG A 373 -10.97 -8.31 -43.35
CA ARG A 373 -11.41 -6.94 -43.50
C ARG A 373 -12.02 -6.42 -42.23
N ASN A 374 -12.28 -7.31 -41.27
CA ASN A 374 -12.90 -6.95 -40.01
C ASN A 374 -12.27 -7.60 -38.80
N PRO A 375 -11.03 -7.24 -38.44
CA PRO A 375 -10.52 -7.80 -37.19
C PRO A 375 -11.17 -7.19 -35.96
N HIS A 376 -11.05 -7.85 -34.82
CA HIS A 376 -11.61 -7.37 -33.58
C HIS A 376 -10.76 -6.22 -33.09
N HIS A 377 -10.98 -5.02 -33.62
CA HIS A 377 -10.20 -3.85 -33.22
C HIS A 377 -11.20 -2.70 -33.11
N ARG A 378 -11.22 -1.97 -31.99
CA ARG A 378 -12.17 -0.89 -31.78
C ARG A 378 -11.98 0.37 -32.63
N THR A 379 -10.77 0.89 -32.66
CA THR A 379 -10.50 2.12 -33.41
C THR A 379 -10.53 1.94 -34.92
N ALA A 380 -10.19 0.74 -35.37
CA ALA A 380 -10.19 0.46 -36.80
C ALA A 380 -11.60 0.28 -37.27
N HIS A 381 -12.47 -0.18 -36.39
CA HIS A 381 -13.87 -0.37 -36.73
C HIS A 381 -14.51 0.97 -36.93
N GLY A 382 -14.33 1.87 -35.97
CA GLY A 382 -14.89 3.20 -36.10
C GLY A 382 -16.33 3.35 -35.66
N SER A 383 -16.77 2.49 -34.76
CA SER A 383 -18.14 2.54 -34.31
C SER A 383 -18.40 3.86 -33.65
N TRP A 384 -19.61 4.38 -33.82
CA TRP A 384 -19.95 5.65 -33.21
C TRP A 384 -21.16 5.46 -32.31
N THR A 385 -21.64 4.22 -32.20
CA THR A 385 -22.81 3.91 -31.36
C THR A 385 -22.57 2.92 -30.24
N ASP A 386 -21.31 2.64 -29.93
CA ASP A 386 -20.99 1.68 -28.88
C ASP A 386 -21.55 0.33 -29.24
N SER A 387 -21.35 -0.09 -30.47
CA SER A 387 -21.84 -1.38 -30.93
C SER A 387 -20.78 -2.01 -31.78
N ILE A 388 -20.59 -3.31 -31.60
CA ILE A 388 -19.59 -4.05 -32.36
C ILE A 388 -20.19 -4.47 -33.69
N ALA A 389 -21.51 -4.42 -33.77
CA ALA A 389 -22.23 -4.83 -34.97
C ALA A 389 -22.41 -3.73 -36.00
N SER A 390 -22.40 -2.47 -35.57
CA SER A 390 -22.57 -1.34 -36.49
C SER A 390 -21.35 -0.42 -36.45
N PRO A 391 -20.81 -0.01 -37.61
CA PRO A 391 -21.16 -0.39 -38.99
C PRO A 391 -20.74 -1.81 -39.32
N ALA A 392 -21.26 -2.35 -40.42
CA ALA A 392 -20.96 -3.71 -40.81
C ALA A 392 -19.49 -4.01 -41.01
N GLU A 393 -18.80 -3.16 -41.76
CA GLU A 393 -17.40 -3.37 -42.04
C GLU A 393 -16.54 -2.36 -41.32
N ASN A 394 -15.34 -2.76 -40.94
CA ASN A 394 -14.43 -1.85 -40.26
C ASN A 394 -14.17 -0.65 -41.15
N ARG A 395 -14.28 0.55 -40.61
CA ARG A 395 -14.09 1.77 -41.40
C ARG A 395 -12.64 2.08 -41.73
N HIS A 396 -11.71 1.24 -41.27
CA HIS A 396 -10.30 1.47 -41.52
C HIS A 396 -9.56 0.19 -41.79
N VAL A 397 -8.51 0.25 -42.60
CA VAL A 397 -7.73 -0.94 -42.91
C VAL A 397 -6.51 -0.92 -42.02
N LEU A 398 -6.39 -1.91 -41.14
CA LEU A 398 -5.27 -2.00 -40.21
C LEU A 398 -4.15 -2.79 -40.87
N TYR A 399 -3.62 -2.24 -41.94
CA TYR A 399 -2.55 -2.88 -42.68
C TYR A 399 -1.52 -3.51 -41.79
N GLY A 400 -1.11 -4.73 -42.11
CA GLY A 400 -0.06 -5.37 -41.34
C GLY A 400 -0.39 -6.30 -40.20
N ALA A 401 -1.61 -6.20 -39.68
CA ALA A 401 -2.03 -7.03 -38.56
C ALA A 401 -2.29 -8.49 -38.86
N LEU A 402 -1.67 -9.37 -38.09
CA LEU A 402 -1.79 -10.80 -38.22
C LEU A 402 -2.91 -11.21 -37.27
N VAL A 403 -3.96 -11.84 -37.79
CA VAL A 403 -5.09 -12.23 -36.96
C VAL A 403 -4.83 -13.56 -36.28
N GLY A 404 -5.78 -14.04 -35.49
CA GLY A 404 -5.57 -15.30 -34.81
C GLY A 404 -5.50 -16.42 -35.82
N GLY A 405 -6.46 -16.46 -36.73
CA GLY A 405 -6.46 -17.51 -37.74
C GLY A 405 -7.18 -18.72 -37.22
N PRO A 406 -7.03 -19.87 -37.88
CA PRO A 406 -7.67 -21.11 -37.45
C PRO A 406 -7.25 -21.57 -36.05
N GLY A 407 -8.21 -21.90 -35.22
CA GLY A 407 -7.91 -22.34 -33.87
C GLY A 407 -7.97 -23.83 -33.72
N SER A 408 -8.33 -24.53 -34.80
CA SER A 408 -8.41 -25.98 -34.75
C SER A 408 -7.65 -26.52 -35.94
N PRO A 409 -7.21 -27.76 -35.87
CA PRO A 409 -6.49 -28.27 -37.03
C PRO A 409 -7.40 -28.68 -38.20
N ASN A 410 -8.12 -27.71 -38.77
CA ASN A 410 -9.00 -28.00 -39.91
C ASN A 410 -8.99 -26.88 -40.93
N ASP A 411 -8.07 -25.95 -40.78
CA ASP A 411 -7.92 -24.83 -41.70
C ASP A 411 -9.17 -23.97 -41.89
N ALA A 412 -10.11 -24.04 -40.97
CA ALA A 412 -11.34 -23.25 -41.08
C ALA A 412 -11.18 -21.89 -40.43
N TYR A 413 -11.87 -20.89 -40.96
CA TYR A 413 -11.78 -19.53 -40.44
C TYR A 413 -12.86 -18.65 -41.06
N THR A 414 -13.40 -17.73 -40.25
CA THR A 414 -14.44 -16.82 -40.67
C THR A 414 -14.13 -15.41 -40.23
N ASP A 415 -14.08 -14.49 -41.19
CA ASP A 415 -13.79 -13.10 -40.91
C ASP A 415 -14.93 -12.46 -40.10
N ASP A 416 -15.04 -12.83 -38.84
CA ASP A 416 -16.10 -12.30 -37.98
C ASP A 416 -15.41 -11.45 -36.94
N ARG A 417 -15.79 -10.19 -36.86
CA ARG A 417 -15.18 -9.28 -35.92
C ARG A 417 -15.51 -9.56 -34.48
N GLN A 418 -16.62 -10.25 -34.26
CA GLN A 418 -17.07 -10.57 -32.93
C GLN A 418 -16.39 -11.80 -32.38
N ASP A 419 -15.43 -12.31 -33.11
CA ASP A 419 -14.69 -13.49 -32.73
C ASP A 419 -13.30 -13.05 -32.29
N TYR A 420 -13.15 -12.66 -31.02
CA TYR A 420 -11.86 -12.22 -30.53
C TYR A 420 -10.87 -13.35 -30.33
N VAL A 421 -11.33 -14.59 -30.51
CA VAL A 421 -10.44 -15.73 -30.34
C VAL A 421 -9.66 -16.04 -31.60
N ALA A 422 -10.28 -15.87 -32.76
CA ALA A 422 -9.60 -16.13 -34.01
C ALA A 422 -9.38 -14.88 -34.85
N ASN A 423 -10.17 -13.84 -34.62
CA ASN A 423 -9.99 -12.64 -35.42
C ASN A 423 -9.49 -11.42 -34.64
N GLU A 424 -8.70 -11.62 -33.60
CA GLU A 424 -8.19 -10.47 -32.88
C GLU A 424 -6.76 -10.26 -33.28
N VAL A 425 -6.26 -9.05 -33.03
CA VAL A 425 -4.90 -8.66 -33.35
C VAL A 425 -4.25 -8.27 -32.04
N ALA A 426 -2.94 -8.06 -32.01
CA ALA A 426 -2.26 -7.67 -30.78
C ALA A 426 -0.81 -7.36 -31.04
N THR A 427 -0.19 -6.58 -30.18
CA THR A 427 1.21 -6.26 -30.40
C THR A 427 2.12 -7.49 -30.47
N ASP A 428 1.87 -8.50 -29.64
CA ASP A 428 2.72 -9.69 -29.62
C ASP A 428 2.44 -10.69 -30.71
N TYR A 429 1.39 -10.48 -31.48
CA TYR A 429 1.02 -11.39 -32.55
C TYR A 429 1.96 -11.14 -33.72
N ASN A 430 2.35 -9.88 -33.88
CA ASN A 430 3.22 -9.45 -34.96
C ASN A 430 4.66 -9.39 -34.52
N ALA A 431 4.95 -9.74 -33.29
CA ALA A 431 6.32 -9.68 -32.78
C ALA A 431 7.23 -10.70 -33.39
N GLY A 432 6.86 -11.97 -33.29
CA GLY A 432 7.68 -13.02 -33.85
C GLY A 432 7.54 -13.11 -35.34
N PHE A 433 6.37 -12.74 -35.83
CA PHE A 433 6.03 -12.72 -37.25
C PHE A 433 6.96 -11.74 -37.97
N SER A 434 7.15 -10.58 -37.37
CA SER A 434 8.00 -9.54 -37.94
C SER A 434 9.46 -9.93 -37.97
N SER A 435 9.90 -10.66 -36.96
CA SER A 435 11.28 -11.07 -36.90
C SER A 435 11.55 -12.10 -37.95
N ALA A 436 10.56 -12.91 -38.28
CA ALA A 436 10.75 -13.92 -39.30
C ALA A 436 10.82 -13.22 -40.65
N LEU A 437 9.85 -12.37 -40.94
CA LEU A 437 9.85 -11.66 -42.21
C LEU A 437 11.18 -10.99 -42.46
N ALA A 438 11.81 -10.44 -41.42
CA ALA A 438 13.10 -9.80 -41.59
C ALA A 438 14.15 -10.84 -41.98
N MET A 439 14.01 -12.04 -41.44
CA MET A 439 14.95 -13.13 -41.74
C MET A 439 14.68 -13.67 -43.13
N LEU A 440 13.44 -13.59 -43.58
CA LEU A 440 13.08 -14.08 -44.89
C LEU A 440 13.34 -13.05 -45.96
N VAL A 441 13.32 -11.77 -45.62
CA VAL A 441 13.61 -10.75 -46.61
C VAL A 441 15.08 -10.81 -46.97
N GLU A 442 15.92 -11.03 -45.96
CA GLU A 442 17.36 -11.08 -46.19
C GLU A 442 17.73 -12.25 -47.08
N GLU A 443 17.02 -13.36 -46.92
CA GLU A 443 17.30 -14.55 -47.68
C GLU A 443 16.64 -14.68 -49.04
N TYR A 444 15.35 -14.37 -49.10
CA TYR A 444 14.60 -14.48 -50.35
C TYR A 444 14.31 -13.14 -51.03
N GLY A 445 14.49 -12.05 -50.30
CA GLY A 445 14.28 -10.74 -50.86
C GLY A 445 12.87 -10.23 -50.90
N GLY A 446 12.68 -9.14 -51.63
CA GLY A 446 11.36 -8.54 -51.75
C GLY A 446 11.56 -7.06 -51.95
N THR A 447 10.48 -6.35 -52.26
CA THR A 447 10.54 -4.91 -52.46
C THR A 447 9.33 -4.22 -51.85
N PRO A 448 9.57 -3.19 -51.01
CA PRO A 448 8.48 -2.44 -50.41
C PRO A 448 7.72 -1.61 -51.45
N LEU A 449 6.53 -1.11 -51.08
CA LEU A 449 5.73 -0.29 -51.98
C LEU A 449 6.16 1.16 -51.81
N ALA A 450 6.24 1.89 -52.90
CA ALA A 450 6.67 3.27 -52.84
C ALA A 450 5.58 4.15 -52.21
N ASP A 451 4.37 4.06 -52.74
CA ASP A 451 3.29 4.87 -52.20
C ASP A 451 2.58 4.08 -51.12
N PHE A 452 3.04 4.25 -49.89
CA PHE A 452 2.44 3.57 -48.76
C PHE A 452 2.73 4.41 -47.55
N PRO A 453 1.73 4.60 -46.67
CA PRO A 453 0.36 4.08 -46.71
C PRO A 453 -0.55 4.88 -47.64
N PRO A 454 -1.62 4.26 -48.16
CA PRO A 454 -2.59 5.05 -48.92
C PRO A 454 -3.24 6.00 -47.94
N THR A 455 -3.76 7.11 -48.46
CA THR A 455 -4.42 8.10 -47.62
C THR A 455 -5.91 7.81 -47.71
N GLU A 456 -6.51 7.35 -46.63
CA GLU A 456 -7.95 7.06 -46.65
C GLU A 456 -8.73 8.36 -46.67
N GLU A 457 -9.99 8.28 -47.06
CA GLU A 457 -10.86 9.46 -47.09
C GLU A 457 -12.12 9.11 -46.34
N PRO A 458 -12.69 10.04 -45.58
CA PRO A 458 -13.86 9.79 -44.77
C PRO A 458 -14.99 9.14 -45.57
N ASP A 459 -15.84 8.37 -44.91
CA ASP A 459 -16.94 7.70 -45.61
C ASP A 459 -18.19 8.57 -45.69
N GLY A 460 -18.00 9.88 -45.60
CA GLY A 460 -19.11 10.80 -45.67
C GLY A 460 -18.81 11.95 -44.75
N PRO A 461 -19.79 12.80 -44.44
CA PRO A 461 -19.59 13.90 -43.50
C PRO A 461 -19.26 13.24 -42.16
N GLU A 462 -18.45 13.90 -41.35
CA GLU A 462 -18.09 13.32 -40.07
C GLU A 462 -18.85 14.01 -38.96
N ILE A 463 -18.87 15.32 -38.99
CA ILE A 463 -19.59 16.12 -37.99
C ILE A 463 -20.53 16.93 -38.85
N PHE A 464 -21.83 16.73 -38.69
CA PHE A 464 -22.79 17.45 -39.51
C PHE A 464 -24.11 17.68 -38.80
N VAL A 465 -25.07 18.23 -39.52
CA VAL A 465 -26.39 18.52 -38.96
C VAL A 465 -27.45 17.99 -39.91
N GLU A 466 -28.39 17.21 -39.38
CA GLU A 466 -29.49 16.67 -40.17
C GLU A 466 -30.70 17.48 -39.71
N ALA A 467 -31.69 17.65 -40.56
CA ALA A 467 -32.85 18.41 -40.15
C ALA A 467 -34.09 18.01 -40.92
N GLN A 468 -35.25 18.47 -40.46
CA GLN A 468 -36.51 18.17 -41.12
C GLN A 468 -37.57 19.05 -40.53
N ILE A 469 -38.68 19.18 -41.24
CA ILE A 469 -39.79 19.96 -40.77
C ILE A 469 -40.56 19.08 -39.79
N ASN A 470 -40.53 19.49 -38.52
CA ASN A 470 -41.22 18.76 -37.46
C ASN A 470 -42.74 18.91 -37.53
N THR A 471 -43.20 20.15 -37.65
CA THR A 471 -44.64 20.45 -37.74
C THR A 471 -44.85 21.56 -38.76
N PRO A 472 -45.59 21.28 -39.84
CA PRO A 472 -45.84 22.30 -40.86
C PRO A 472 -46.63 23.45 -40.27
N GLY A 473 -46.26 24.67 -40.66
CA GLY A 473 -46.93 25.85 -40.14
C GLY A 473 -46.72 26.99 -41.10
N THR A 474 -47.63 27.95 -41.11
CA THR A 474 -47.56 29.08 -42.02
C THR A 474 -47.16 30.37 -41.35
N THR A 475 -47.15 30.38 -40.02
CA THR A 475 -46.78 31.58 -39.27
C THR A 475 -45.50 31.35 -38.50
N PHE A 476 -44.95 30.15 -38.68
CA PHE A 476 -43.75 29.73 -38.01
C PHE A 476 -43.12 28.61 -38.81
N THR A 477 -41.86 28.32 -38.51
CA THR A 477 -41.16 27.22 -39.15
C THR A 477 -40.63 26.43 -37.99
N GLU A 478 -41.06 25.18 -37.85
CA GLU A 478 -40.55 24.38 -36.75
C GLU A 478 -39.61 23.35 -37.33
N ILE A 479 -38.34 23.44 -36.94
CA ILE A 479 -37.31 22.54 -37.43
C ILE A 479 -36.93 21.55 -36.36
N LYS A 480 -36.50 20.37 -36.79
CA LYS A 480 -36.02 19.32 -35.89
C LYS A 480 -34.62 19.12 -36.41
N ALA A 481 -33.63 19.60 -35.67
CA ALA A 481 -32.25 19.45 -36.09
C ALA A 481 -31.63 18.37 -35.25
N MET A 482 -30.59 17.74 -35.77
CA MET A 482 -29.89 16.67 -35.05
C MET A 482 -28.40 16.82 -35.36
N ILE A 483 -27.59 17.10 -34.36
CA ILE A 483 -26.15 17.21 -34.58
C ILE A 483 -25.60 15.80 -34.54
N ARG A 484 -24.64 15.50 -35.39
CA ARG A 484 -24.08 14.16 -35.43
C ARG A 484 -22.58 14.24 -35.44
N ASN A 485 -21.94 13.28 -34.79
CA ASN A 485 -20.50 13.19 -34.76
C ASN A 485 -20.20 11.72 -34.97
N GLN A 486 -19.79 11.38 -36.19
CA GLN A 486 -19.49 10.01 -36.56
C GLN A 486 -18.11 10.04 -37.18
N SER A 487 -17.23 10.85 -36.60
CA SER A 487 -15.89 10.97 -37.09
C SER A 487 -15.02 9.76 -36.90
N GLY A 488 -14.03 9.59 -37.76
CA GLY A 488 -13.14 8.46 -37.63
C GLY A 488 -11.84 8.66 -38.33
N TRP A 489 -11.51 9.91 -38.64
CA TRP A 489 -10.27 10.25 -39.35
C TRP A 489 -9.63 11.52 -38.78
N PRO A 490 -9.35 11.56 -37.46
CA PRO A 490 -9.62 10.60 -36.41
C PRO A 490 -10.90 10.98 -35.69
N ALA A 491 -11.30 10.19 -34.69
CA ALA A 491 -12.50 10.47 -33.94
C ALA A 491 -12.20 11.65 -33.05
N ARG A 492 -13.12 12.60 -32.98
CA ARG A 492 -12.91 13.77 -32.16
C ARG A 492 -14.10 14.24 -31.33
N MET A 493 -13.77 15.01 -30.30
CA MET A 493 -14.75 15.55 -29.41
C MET A 493 -15.30 16.84 -29.99
N LEU A 494 -16.58 17.10 -29.75
CA LEU A 494 -17.21 18.32 -30.19
C LEU A 494 -17.84 18.82 -28.90
N ASP A 495 -17.11 19.60 -28.10
CA ASP A 495 -17.67 20.09 -26.85
C ASP A 495 -17.95 21.59 -26.79
N LYS A 496 -17.70 22.28 -27.88
CA LYS A 496 -17.94 23.71 -27.95
C LYS A 496 -18.59 24.07 -29.27
N GLY A 497 -19.72 23.45 -29.59
CA GLY A 497 -20.39 23.75 -30.85
C GLY A 497 -21.66 24.55 -30.77
N THR A 498 -21.88 25.34 -31.81
CA THR A 498 -23.08 26.15 -31.93
C THR A 498 -23.45 26.06 -33.40
N PHE A 499 -24.67 26.43 -33.74
CA PHE A 499 -25.02 26.39 -35.14
C PHE A 499 -25.97 27.50 -35.48
N ARG A 500 -25.91 27.96 -36.73
CA ARG A 500 -26.77 29.05 -37.12
C ARG A 500 -27.77 28.67 -38.19
N TYR A 501 -28.95 29.27 -38.08
CA TYR A 501 -30.05 29.07 -39.01
C TYR A 501 -30.38 30.47 -39.50
N TRP A 502 -30.01 30.78 -40.73
CA TRP A 502 -30.26 32.09 -41.32
C TRP A 502 -31.61 32.16 -41.98
N PHE A 503 -32.21 33.34 -41.92
CA PHE A 503 -33.50 33.57 -42.52
C PHE A 503 -33.58 35.03 -42.92
N THR A 504 -34.43 35.32 -43.89
CA THR A 504 -34.66 36.66 -44.41
C THR A 504 -35.96 37.23 -43.85
N LEU A 505 -35.88 38.41 -43.25
CA LEU A 505 -37.02 39.09 -42.64
C LEU A 505 -38.03 39.40 -43.73
N ASP A 506 -39.28 39.07 -43.46
CA ASP A 506 -40.31 39.26 -44.45
C ASP A 506 -41.16 40.50 -44.24
N GLU A 507 -41.87 40.89 -45.29
CA GLU A 507 -42.73 42.07 -45.23
C GLU A 507 -43.86 41.93 -44.22
N GLY A 508 -43.83 42.77 -43.20
CA GLY A 508 -44.87 42.76 -42.19
C GLY A 508 -44.44 42.18 -40.87
N VAL A 509 -43.37 41.39 -40.89
CA VAL A 509 -42.88 40.76 -39.68
C VAL A 509 -41.95 41.67 -38.92
N ASP A 510 -42.38 42.06 -37.73
CA ASP A 510 -41.60 42.93 -36.87
C ASP A 510 -40.66 41.99 -36.14
N PRO A 511 -39.34 42.15 -36.32
CA PRO A 511 -38.36 41.27 -35.65
C PRO A 511 -38.51 41.21 -34.13
N ALA A 512 -39.19 42.21 -33.56
CA ALA A 512 -39.42 42.23 -32.12
C ALA A 512 -40.48 41.20 -31.76
N ASP A 513 -41.26 40.78 -32.75
CA ASP A 513 -42.32 39.81 -32.52
C ASP A 513 -41.89 38.39 -32.85
N ILE A 514 -40.62 38.20 -33.20
CA ILE A 514 -40.15 36.86 -33.52
C ILE A 514 -39.74 36.20 -32.23
N THR A 515 -40.19 34.96 -32.02
CA THR A 515 -39.85 34.23 -30.82
C THR A 515 -39.31 32.88 -31.20
N VAL A 516 -38.40 32.35 -30.39
CA VAL A 516 -37.82 31.05 -30.66
C VAL A 516 -38.11 30.20 -29.44
N SER A 517 -38.91 29.15 -29.61
CA SER A 517 -39.28 28.28 -28.52
C SER A 517 -39.00 26.84 -28.88
N SER A 518 -39.17 25.93 -27.93
CA SER A 518 -38.91 24.52 -28.16
C SER A 518 -39.66 23.70 -27.15
N ALA A 519 -39.96 22.46 -27.50
CA ALA A 519 -40.66 21.55 -26.61
C ALA A 519 -39.69 20.44 -26.24
N TYR A 520 -38.55 20.42 -26.91
CA TYR A 520 -37.51 19.44 -26.67
C TYR A 520 -36.26 19.98 -27.31
N ASN A 521 -35.24 20.22 -26.50
CA ASN A 521 -34.00 20.76 -26.99
C ASN A 521 -32.97 20.29 -26.01
N GLN A 522 -31.94 19.58 -26.47
CA GLN A 522 -30.90 19.09 -25.57
C GLN A 522 -29.84 20.13 -25.37
N CYS A 523 -29.99 21.23 -26.09
CA CYS A 523 -29.06 22.33 -26.01
C CYS A 523 -29.86 23.53 -25.56
N ALA A 524 -29.33 24.73 -25.70
CA ALA A 524 -30.05 25.91 -25.24
C ALA A 524 -31.06 26.45 -26.22
N THR A 525 -32.13 27.03 -25.68
CA THR A 525 -33.19 27.63 -26.47
C THR A 525 -32.99 29.14 -26.38
N PRO A 526 -32.78 29.83 -27.51
CA PRO A 526 -32.50 31.26 -27.44
C PRO A 526 -33.72 32.14 -27.27
N GLU A 527 -33.49 33.37 -26.83
CA GLU A 527 -34.56 34.32 -26.60
C GLU A 527 -34.75 35.25 -27.78
N ASP A 528 -33.65 35.76 -28.33
CA ASP A 528 -33.74 36.68 -29.45
C ASP A 528 -33.03 36.22 -30.71
N VAL A 529 -33.16 37.00 -31.77
CA VAL A 529 -32.53 36.70 -33.05
C VAL A 529 -31.44 37.74 -33.29
N HIS A 530 -30.51 37.44 -34.19
CA HIS A 530 -29.41 38.36 -34.46
C HIS A 530 -29.45 38.88 -35.89
N HIS A 531 -29.23 40.18 -36.02
CA HIS A 531 -29.24 40.86 -37.30
C HIS A 531 -27.86 40.91 -37.88
N VAL A 532 -27.72 40.47 -39.13
CA VAL A 532 -26.45 40.49 -39.83
C VAL A 532 -26.49 41.82 -40.56
N SER A 533 -27.12 41.82 -41.72
CA SER A 533 -27.25 43.03 -42.53
C SER A 533 -28.57 42.96 -43.28
N GLY A 534 -29.12 44.12 -43.60
CA GLY A 534 -30.37 44.18 -44.32
C GLY A 534 -31.49 43.36 -43.71
N ASP A 535 -32.07 42.47 -44.52
CA ASP A 535 -33.16 41.61 -44.08
C ASP A 535 -32.64 40.27 -43.56
N LEU A 536 -31.33 40.12 -43.44
CA LEU A 536 -30.75 38.87 -42.98
C LEU A 536 -30.59 38.78 -41.47
N TYR A 537 -31.17 37.76 -40.86
CA TYR A 537 -31.05 37.55 -39.42
C TYR A 537 -30.70 36.07 -39.25
N TYR A 538 -30.24 35.70 -38.05
CA TYR A 538 -29.94 34.30 -37.77
C TYR A 538 -30.30 33.95 -36.33
N VAL A 539 -30.65 32.69 -36.11
CA VAL A 539 -30.99 32.15 -34.80
C VAL A 539 -29.76 31.33 -34.48
N GLU A 540 -29.23 31.43 -33.25
CA GLU A 540 -28.08 30.63 -32.90
C GLU A 540 -28.41 29.64 -31.79
N ILE A 541 -28.18 28.36 -32.03
CA ILE A 541 -28.45 27.37 -31.00
C ILE A 541 -27.10 27.10 -30.35
N ASP A 542 -27.04 27.17 -29.03
CA ASP A 542 -25.80 26.98 -28.29
C ASP A 542 -25.71 25.61 -27.63
N CYS A 543 -24.74 24.80 -28.06
CA CYS A 543 -24.56 23.47 -27.48
C CYS A 543 -23.23 23.33 -26.77
N THR A 544 -22.56 24.43 -26.46
CA THR A 544 -21.27 24.34 -25.77
C THR A 544 -21.50 23.71 -24.41
N GLY A 545 -20.71 22.71 -24.08
CA GLY A 545 -20.83 22.05 -22.79
C GLY A 545 -21.30 20.63 -22.95
N GLU A 546 -21.93 20.37 -24.07
CA GLU A 546 -22.42 19.05 -24.38
C GLU A 546 -21.27 18.35 -25.04
N LYS A 547 -20.96 17.14 -24.62
CA LYS A 547 -19.87 16.41 -25.20
C LYS A 547 -20.47 15.46 -26.21
N ILE A 548 -20.32 15.79 -27.49
CA ILE A 548 -20.83 14.97 -28.58
C ILE A 548 -19.67 14.21 -29.19
N PHE A 549 -19.56 12.93 -28.85
CA PHE A 549 -18.46 12.14 -29.38
C PHE A 549 -18.91 10.81 -29.94
N PRO A 550 -18.15 10.26 -30.90
CA PRO A 550 -18.53 8.97 -31.47
C PRO A 550 -18.31 7.84 -30.48
N GLY A 551 -19.21 7.69 -29.52
CA GLY A 551 -19.02 6.62 -28.55
C GLY A 551 -20.26 6.15 -27.84
N GLY A 552 -21.40 6.21 -28.51
CA GLY A 552 -22.60 5.76 -27.89
C GLY A 552 -23.79 6.27 -28.64
N GLN A 553 -24.94 5.67 -28.40
CA GLN A 553 -26.15 6.05 -29.10
C GLN A 553 -26.53 7.49 -28.85
N SER A 554 -26.69 7.88 -27.59
CA SER A 554 -27.03 9.26 -27.26
C SER A 554 -25.84 10.17 -27.12
N GLU A 555 -24.65 9.58 -27.09
CA GLU A 555 -23.41 10.33 -26.94
C GLU A 555 -22.95 11.00 -28.22
N HIS A 556 -23.33 10.43 -29.35
CA HIS A 556 -22.88 10.95 -30.65
C HIS A 556 -23.75 11.99 -31.30
N ARG A 557 -24.95 12.22 -30.76
CA ARG A 557 -25.90 13.16 -31.34
C ARG A 557 -26.56 14.02 -30.29
N ARG A 558 -27.25 15.04 -30.74
CA ARG A 558 -28.01 15.94 -29.88
C ARG A 558 -29.18 16.38 -30.72
N GLU A 559 -30.38 16.25 -30.18
CA GLU A 559 -31.60 16.66 -30.89
C GLU A 559 -32.01 18.02 -30.44
N VAL A 560 -32.31 18.89 -31.39
CA VAL A 560 -32.71 20.26 -31.12
C VAL A 560 -33.96 20.59 -31.91
N GLN A 561 -35.08 20.80 -31.24
CA GLN A 561 -36.30 21.15 -31.95
C GLN A 561 -36.48 22.60 -31.59
N PHE A 562 -36.81 23.44 -32.56
CA PHE A 562 -36.99 24.86 -32.30
C PHE A 562 -37.97 25.48 -33.28
N ARG A 563 -38.90 26.30 -32.79
CA ARG A 563 -39.87 26.94 -33.64
C ARG A 563 -39.59 28.42 -33.68
N ILE A 564 -39.51 28.99 -34.88
CA ILE A 564 -39.28 30.42 -35.06
C ILE A 564 -40.61 30.94 -35.55
N ALA A 565 -41.34 31.64 -34.69
CA ALA A 565 -42.65 32.16 -35.05
C ALA A 565 -42.53 33.63 -35.41
N GLY A 566 -43.13 34.03 -36.52
CA GLY A 566 -43.04 35.43 -36.90
C GLY A 566 -44.39 36.08 -37.04
N GLY A 567 -45.45 35.29 -36.95
CA GLY A 567 -46.79 35.83 -37.08
C GLY A 567 -47.22 35.80 -38.52
N PRO A 568 -48.40 36.33 -38.85
CA PRO A 568 -48.83 36.35 -40.24
C PRO A 568 -47.89 37.20 -41.07
N GLY A 569 -47.43 36.67 -42.19
CA GLY A 569 -46.51 37.38 -43.05
C GLY A 569 -45.23 36.59 -43.16
N TRP A 570 -45.01 35.71 -42.20
CA TRP A 570 -43.83 34.87 -42.16
C TRP A 570 -43.81 34.02 -43.42
N ASP A 571 -42.71 34.09 -44.15
CA ASP A 571 -42.51 33.33 -45.38
C ASP A 571 -41.13 32.74 -45.29
N PRO A 572 -41.04 31.39 -45.27
CA PRO A 572 -39.79 30.64 -45.21
C PRO A 572 -39.14 30.35 -46.56
N SER A 573 -39.88 30.56 -47.64
CA SER A 573 -39.35 30.29 -48.97
C SER A 573 -38.16 31.14 -49.32
N ASN A 574 -37.98 32.27 -48.64
CA ASN A 574 -36.85 33.12 -48.94
C ASN A 574 -35.74 33.02 -47.90
N ASP A 575 -35.80 32.00 -47.05
CA ASP A 575 -34.80 31.79 -46.02
C ASP A 575 -33.65 30.92 -46.47
N TRP A 576 -32.45 31.36 -46.16
CA TRP A 576 -31.24 30.65 -46.54
C TRP A 576 -31.21 29.22 -46.04
N SER A 577 -31.20 29.04 -44.73
CA SER A 577 -31.12 27.71 -44.16
C SER A 577 -32.29 26.78 -44.41
N PHE A 578 -33.34 27.28 -45.04
CA PHE A 578 -34.51 26.46 -45.31
C PHE A 578 -34.35 25.66 -46.58
N GLN A 579 -33.42 26.05 -47.43
CA GLN A 579 -33.18 25.37 -48.69
C GLN A 579 -32.91 23.90 -48.53
N GLY A 580 -33.76 23.06 -49.09
CA GLY A 580 -33.53 21.63 -49.02
C GLY A 580 -34.21 20.86 -47.93
N ILE A 581 -34.49 21.51 -46.81
CA ILE A 581 -35.13 20.86 -45.66
C ILE A 581 -36.50 20.36 -46.05
N GLY A 582 -36.75 19.08 -45.79
CA GLY A 582 -38.03 18.50 -46.14
C GLY A 582 -38.67 17.77 -44.98
N ASN A 583 -39.40 16.71 -45.26
CA ASN A 583 -40.07 15.96 -44.19
C ASN A 583 -39.31 14.74 -43.70
N GLU A 584 -38.14 14.48 -44.27
CA GLU A 584 -37.32 13.36 -43.86
C GLU A 584 -36.01 13.89 -43.33
N LEU A 585 -35.49 13.27 -42.28
CA LEU A 585 -34.25 13.69 -41.66
C LEU A 585 -33.11 13.38 -42.63
N ALA A 586 -32.43 14.43 -43.08
CA ALA A 586 -31.32 14.29 -44.01
C ALA A 586 -30.40 15.46 -43.78
N PRO A 587 -29.11 15.33 -44.14
CA PRO A 587 -28.15 16.42 -43.89
C PRO A 587 -28.69 17.74 -44.40
N ALA A 588 -28.47 18.80 -43.62
CA ALA A 588 -28.91 20.15 -43.97
C ALA A 588 -27.68 20.96 -44.30
N PRO A 589 -27.38 21.18 -45.59
CA PRO A 589 -26.14 21.86 -45.89
C PRO A 589 -26.10 23.35 -45.61
N TYR A 590 -27.26 23.96 -45.32
CA TYR A 590 -27.26 25.39 -45.09
C TYR A 590 -27.42 25.82 -43.65
N ILE A 591 -27.25 24.88 -42.73
CA ILE A 591 -27.28 25.17 -41.32
C ILE A 591 -25.80 24.97 -41.04
N VAL A 592 -25.15 25.97 -40.49
CA VAL A 592 -23.72 25.88 -40.25
C VAL A 592 -23.41 25.51 -38.80
N LEU A 593 -22.57 24.49 -38.62
CA LEU A 593 -22.16 24.02 -37.31
C LEU A 593 -20.76 24.56 -37.07
N TYR A 594 -20.53 25.18 -35.91
CA TYR A 594 -19.22 25.75 -35.62
C TYR A 594 -18.65 25.06 -34.41
N ASP A 595 -17.34 24.84 -34.39
CA ASP A 595 -16.67 24.22 -33.27
C ASP A 595 -15.78 25.31 -32.68
N ASP A 596 -16.28 25.98 -31.65
CA ASP A 596 -15.50 27.04 -31.01
C ASP A 596 -15.34 28.24 -31.95
N GLY A 597 -16.34 28.47 -32.79
CA GLY A 597 -16.29 29.59 -33.72
C GLY A 597 -15.82 29.29 -35.13
N VAL A 598 -15.26 28.09 -35.34
CA VAL A 598 -14.77 27.68 -36.64
C VAL A 598 -15.80 26.80 -37.33
N PRO A 599 -16.18 27.12 -38.57
CA PRO A 599 -17.15 26.34 -39.34
C PRO A 599 -16.67 24.92 -39.61
N VAL A 600 -17.56 23.95 -39.42
CA VAL A 600 -17.23 22.54 -39.64
C VAL A 600 -18.19 21.89 -40.63
N TRP A 601 -19.35 22.51 -40.83
CA TRP A 601 -20.35 21.98 -41.75
C TRP A 601 -21.18 23.14 -42.25
N GLY A 602 -21.71 22.99 -43.46
CA GLY A 602 -22.56 24.00 -44.03
C GLY A 602 -21.87 25.17 -44.66
N THR A 603 -22.64 25.91 -45.46
CA THR A 603 -22.16 27.09 -46.15
C THR A 603 -23.03 28.23 -45.67
N ALA A 604 -22.40 29.37 -45.37
CA ALA A 604 -23.12 30.53 -44.89
C ALA A 604 -23.51 31.37 -46.11
N PRO A 605 -24.47 32.29 -45.93
CA PRO A 605 -24.94 33.20 -46.99
C PRO A 605 -23.80 33.97 -47.62
N GLU B 1 -28.33 9.76 22.86
CA GLU B 1 -27.09 10.20 23.56
C GLU B 1 -26.40 8.96 24.11
N PRO B 2 -25.05 8.98 24.16
CA PRO B 2 -24.28 7.84 24.65
C PRO B 2 -24.47 7.62 26.15
N ALA B 3 -24.56 6.35 26.55
CA ALA B 3 -24.73 6.03 27.96
C ALA B 3 -23.48 6.51 28.70
N PHE B 4 -22.32 6.30 28.10
CA PHE B 4 -21.05 6.70 28.69
C PHE B 4 -20.31 7.49 27.64
N ASN B 5 -19.51 8.46 28.05
CA ASN B 5 -18.77 9.25 27.09
C ASN B 5 -17.59 8.48 26.51
N TYR B 6 -17.85 7.60 25.55
CA TYR B 6 -16.81 6.77 24.93
C TYR B 6 -15.65 7.56 24.34
N ALA B 7 -15.86 8.85 24.06
CA ALA B 7 -14.80 9.66 23.47
C ALA B 7 -13.78 10.04 24.54
N GLU B 8 -14.24 10.24 25.76
CA GLU B 8 -13.39 10.61 26.87
C GLU B 8 -12.59 9.36 27.27
N ALA B 9 -13.25 8.22 27.33
CA ALA B 9 -12.58 6.98 27.69
C ALA B 9 -11.48 6.70 26.68
N LEU B 10 -11.81 6.83 25.39
CA LEU B 10 -10.83 6.59 24.36
C LEU B 10 -9.69 7.57 24.49
N GLN B 11 -10.00 8.82 24.82
CA GLN B 11 -9.00 9.87 24.97
C GLN B 11 -8.03 9.56 26.10
N LYS B 12 -8.57 9.08 27.20
CA LYS B 12 -7.75 8.75 28.35
C LYS B 12 -7.00 7.46 28.13
N SER B 13 -7.48 6.64 27.21
CA SER B 13 -6.82 5.37 26.92
C SER B 13 -5.53 5.65 26.18
N MET B 14 -5.50 6.68 25.36
CA MET B 14 -4.28 6.99 24.63
C MET B 14 -3.24 7.59 25.57
N PHE B 15 -3.70 8.20 26.67
CA PHE B 15 -2.82 8.82 27.66
C PHE B 15 -2.09 7.71 28.43
N PHE B 16 -2.78 6.58 28.57
CA PHE B 16 -2.25 5.41 29.25
C PHE B 16 -1.00 4.99 28.51
N TYR B 17 -1.16 4.65 27.25
CA TYR B 17 -0.04 4.24 26.41
C TYR B 17 1.11 5.22 26.36
N GLU B 18 0.90 6.44 26.81
CA GLU B 18 1.97 7.42 26.77
C GLU B 18 2.73 7.41 28.10
N ALA B 19 2.09 6.88 29.13
CA ALA B 19 2.67 6.79 30.47
C ALA B 19 3.40 5.46 30.64
N GLN B 20 3.33 4.64 29.60
CA GLN B 20 3.97 3.34 29.54
C GLN B 20 5.22 3.42 28.69
N ARG B 21 5.47 4.58 28.10
CA ARG B 21 6.63 4.78 27.25
C ARG B 21 7.93 4.58 28.01
N SER B 22 8.97 4.22 27.27
CA SER B 22 10.29 3.98 27.84
C SER B 22 11.28 4.75 27.01
N GLY B 23 12.51 4.88 27.50
CA GLY B 23 13.51 5.61 26.74
C GLY B 23 13.39 7.09 26.97
N LYS B 24 14.04 7.86 26.10
CA LYS B 24 14.04 9.31 26.17
C LYS B 24 12.74 9.91 25.68
N LEU B 25 11.99 10.52 26.58
CA LEU B 25 10.71 11.11 26.22
C LEU B 25 10.88 12.42 25.47
N PRO B 26 9.95 12.72 24.55
CA PRO B 26 10.01 13.95 23.74
C PRO B 26 9.68 15.19 24.57
N GLU B 27 9.87 16.36 23.96
CA GLU B 27 9.58 17.62 24.64
C GLU B 27 8.08 17.76 24.90
N ASN B 28 7.29 17.31 23.94
CA ASN B 28 5.83 17.39 24.01
C ASN B 28 5.17 16.43 25.00
N ASN B 29 5.96 15.84 25.89
CA ASN B 29 5.44 14.89 26.87
C ASN B 29 4.20 15.35 27.63
N ARG B 30 3.12 14.60 27.51
CA ARG B 30 1.88 14.97 28.21
C ARG B 30 1.80 14.48 29.64
N VAL B 31 2.58 13.46 29.99
CA VAL B 31 2.58 12.91 31.34
C VAL B 31 3.68 13.60 32.12
N SER B 32 3.32 14.50 33.01
CA SER B 32 4.29 15.25 33.79
C SER B 32 5.08 14.47 34.80
N TRP B 33 4.58 13.29 35.17
CA TRP B 33 5.25 12.47 36.15
C TRP B 33 6.12 11.36 35.59
N ARG B 34 6.37 11.42 34.29
CA ARG B 34 7.21 10.43 33.64
C ARG B 34 8.48 11.13 33.15
N GLY B 35 9.61 10.43 33.22
CA GLY B 35 10.87 11.03 32.80
C GLY B 35 11.62 10.01 32.00
N ASP B 36 12.89 10.27 31.74
CA ASP B 36 13.68 9.33 30.95
C ASP B 36 14.03 8.13 31.79
N SER B 37 13.93 6.95 31.20
CA SER B 37 14.22 5.70 31.87
C SER B 37 14.68 4.70 30.84
N GLY B 38 15.32 3.63 31.27
CA GLY B 38 15.77 2.61 30.34
C GLY B 38 16.65 3.20 29.27
N LEU B 39 17.58 4.05 29.67
CA LEU B 39 18.48 4.69 28.71
C LEU B 39 19.66 3.85 28.29
N ASN B 40 19.92 2.76 29.00
CA ASN B 40 21.05 1.91 28.66
C ASN B 40 20.61 0.59 28.10
N ASP B 41 19.35 0.54 27.67
CA ASP B 41 18.79 -0.67 27.11
C ASP B 41 19.46 -0.98 25.80
N GLY B 42 20.11 -2.12 25.75
CA GLY B 42 20.78 -2.50 24.52
C GLY B 42 22.27 -2.50 24.70
N ALA B 43 22.76 -1.67 25.61
CA ALA B 43 24.18 -1.55 25.85
C ALA B 43 24.90 -2.88 25.93
N ASP B 44 24.31 -3.86 26.60
CA ASP B 44 24.97 -5.15 26.73
C ASP B 44 25.29 -5.87 25.43
N VAL B 45 24.58 -5.52 24.36
CA VAL B 45 24.80 -6.14 23.06
C VAL B 45 25.27 -5.16 22.00
N GLY B 46 25.52 -3.92 22.40
CA GLY B 46 26.02 -2.93 21.47
C GLY B 46 25.01 -2.34 20.53
N LEU B 47 23.74 -2.32 20.95
CA LEU B 47 22.67 -1.78 20.11
C LEU B 47 21.85 -0.79 20.92
N ASP B 48 21.02 -0.03 20.24
CA ASP B 48 20.16 0.93 20.90
C ASP B 48 18.78 0.30 20.88
N LEU B 49 18.34 -0.17 22.04
CA LEU B 49 17.04 -0.79 22.14
C LEU B 49 16.22 0.03 23.10
N THR B 50 16.44 1.34 23.07
CA THR B 50 15.71 2.25 23.93
C THR B 50 14.40 2.55 23.23
N GLY B 51 13.36 2.76 24.01
CA GLY B 51 12.06 3.05 23.45
C GLY B 51 11.19 1.88 23.82
N GLY B 52 10.00 1.82 23.27
CA GLY B 52 9.12 0.71 23.58
C GLY B 52 8.13 1.11 24.62
N TRP B 53 7.41 0.11 25.11
CA TRP B 53 6.39 0.28 26.14
C TRP B 53 6.69 -0.76 27.20
N TYR B 54 6.51 -0.41 28.46
CA TYR B 54 6.70 -1.38 29.52
C TYR B 54 5.40 -2.14 29.45
N ASP B 55 5.46 -3.45 29.60
CA ASP B 55 4.29 -4.29 29.50
C ASP B 55 3.15 -3.99 30.46
N ALA B 56 3.37 -4.12 31.75
CA ALA B 56 2.30 -3.91 32.71
C ALA B 56 2.62 -2.89 33.80
N GLY B 57 2.55 -3.33 35.05
CA GLY B 57 2.87 -2.45 36.16
C GLY B 57 4.32 -2.64 36.54
N ASP B 58 5.06 -3.30 35.65
CA ASP B 58 6.48 -3.57 35.84
C ASP B 58 7.25 -2.84 34.77
N HIS B 59 8.53 -3.14 34.64
CA HIS B 59 9.33 -2.45 33.65
C HIS B 59 10.04 -3.33 32.63
N VAL B 60 9.61 -4.57 32.51
CA VAL B 60 10.21 -5.46 31.53
C VAL B 60 9.50 -5.17 30.25
N LYS B 61 10.24 -5.07 29.15
CA LYS B 61 9.66 -4.81 27.85
C LYS B 61 9.48 -6.13 27.13
N PHE B 62 8.32 -6.74 27.29
CA PHE B 62 8.01 -8.02 26.67
C PHE B 62 7.55 -7.80 25.24
N GLY B 63 8.24 -8.38 24.27
CA GLY B 63 7.90 -8.18 22.87
C GLY B 63 6.73 -8.92 22.26
N PHE B 64 6.30 -10.03 22.85
CA PHE B 64 5.16 -10.76 22.29
C PHE B 64 3.89 -9.92 22.45
N PRO B 65 3.47 -9.64 23.70
CA PRO B 65 2.25 -8.86 23.88
C PRO B 65 2.35 -7.42 23.43
N MET B 66 3.56 -6.92 23.26
CA MET B 66 3.73 -5.55 22.81
C MET B 66 3.43 -5.45 21.34
N ALA B 67 3.74 -6.53 20.63
CA ALA B 67 3.48 -6.59 19.20
C ALA B 67 1.97 -6.73 19.00
N PHE B 68 1.35 -7.61 19.77
CA PHE B 68 -0.09 -7.83 19.67
C PHE B 68 -0.82 -6.53 19.93
N THR B 69 -0.47 -5.86 21.01
CA THR B 69 -1.10 -4.59 21.35
C THR B 69 -1.06 -3.63 20.18
N ALA B 70 0.04 -3.67 19.45
CA ALA B 70 0.21 -2.78 18.31
C ALA B 70 -0.69 -3.19 17.16
N THR B 71 -0.88 -4.48 16.95
CA THR B 71 -1.71 -4.96 15.86
C THR B 71 -3.18 -4.74 16.16
N MET B 72 -3.55 -4.82 17.43
CA MET B 72 -4.95 -4.62 17.82
C MET B 72 -5.32 -3.15 17.77
N LEU B 73 -4.38 -2.30 18.17
CA LEU B 73 -4.61 -0.86 18.17
C LEU B 73 -4.70 -0.38 16.74
N ALA B 74 -3.91 -0.98 15.87
CA ALA B 74 -3.91 -0.61 14.47
C ALA B 74 -5.20 -1.11 13.85
N TRP B 75 -5.50 -2.39 14.01
CA TRP B 75 -6.72 -2.97 13.46
C TRP B 75 -7.94 -2.13 13.76
N GLY B 76 -8.04 -1.62 14.98
CA GLY B 76 -9.17 -0.81 15.35
C GLY B 76 -9.24 0.51 14.62
N ALA B 77 -8.07 1.04 14.28
CA ALA B 77 -7.97 2.32 13.59
C ALA B 77 -8.19 2.14 12.10
N ILE B 78 -8.29 0.91 11.65
CA ILE B 78 -8.54 0.60 10.25
C ILE B 78 -10.04 0.36 10.10
N GLU B 79 -10.62 -0.30 11.09
CA GLU B 79 -12.05 -0.58 11.07
C GLU B 79 -12.86 0.68 11.30
N SER B 80 -12.36 1.55 12.16
CA SER B 80 -13.06 2.78 12.46
C SER B 80 -12.17 4.01 12.58
N PRO B 81 -11.70 4.56 11.45
CA PRO B 81 -10.91 5.77 11.54
C PRO B 81 -11.73 6.97 12.00
N GLU B 82 -13.02 6.99 11.67
CA GLU B 82 -13.87 8.10 12.10
C GLU B 82 -13.98 8.11 13.60
N GLY B 83 -13.93 6.94 14.21
CA GLY B 83 -14.01 6.85 15.66
C GLY B 83 -12.86 7.62 16.28
N TYR B 84 -11.67 7.46 15.70
CA TYR B 84 -10.50 8.16 16.18
C TYR B 84 -10.45 9.62 15.78
N ILE B 85 -11.07 9.97 14.66
CA ILE B 85 -11.07 11.36 14.22
C ILE B 85 -12.05 12.21 15.01
N ARG B 86 -13.26 11.68 15.20
CA ARG B 86 -14.30 12.39 15.93
C ARG B 86 -13.95 12.66 17.40
N SER B 87 -13.23 11.74 18.03
CA SER B 87 -12.83 11.94 19.42
C SER B 87 -11.57 12.80 19.54
N GLY B 88 -11.05 13.20 18.39
CA GLY B 88 -9.86 14.03 18.35
C GLY B 88 -8.63 13.27 18.80
N GLN B 89 -8.70 11.95 18.73
CA GLN B 89 -7.61 11.10 19.18
C GLN B 89 -6.74 10.46 18.10
N MET B 90 -7.03 10.75 16.84
CA MET B 90 -6.26 10.19 15.74
C MET B 90 -4.79 10.59 15.78
N PRO B 91 -4.48 11.87 16.04
CA PRO B 91 -3.06 12.25 16.10
C PRO B 91 -2.29 11.61 17.25
N TYR B 92 -3.03 11.13 18.25
CA TYR B 92 -2.42 10.48 19.40
C TYR B 92 -2.20 9.01 19.15
N LEU B 93 -3.15 8.37 18.48
CA LEU B 93 -3.02 6.96 18.14
C LEU B 93 -1.80 6.79 17.25
N LYS B 94 -1.67 7.67 16.26
CA LYS B 94 -0.55 7.64 15.33
C LYS B 94 0.77 7.93 16.04
N ASP B 95 0.70 8.65 17.14
CA ASP B 95 1.89 9.01 17.88
C ASP B 95 2.35 7.80 18.69
N ASN B 96 1.39 7.01 19.14
CA ASN B 96 1.67 5.80 19.92
C ASN B 96 2.13 4.67 19.03
N LEU B 97 1.46 4.47 17.90
CA LEU B 97 1.87 3.41 16.97
C LEU B 97 3.25 3.67 16.40
N ARG B 98 3.59 4.95 16.23
CA ARG B 98 4.89 5.34 15.70
C ARG B 98 5.97 5.13 16.76
N TRP B 99 5.59 5.25 18.02
CA TRP B 99 6.53 5.08 19.12
C TRP B 99 6.94 3.64 19.27
N VAL B 100 5.96 2.74 19.16
CA VAL B 100 6.24 1.32 19.31
C VAL B 100 6.89 0.75 18.03
N ASN B 101 6.48 1.23 16.87
CA ASN B 101 7.06 0.74 15.63
C ASN B 101 8.51 1.15 15.45
N ASP B 102 8.87 2.33 15.94
CA ASP B 102 10.26 2.80 15.87
C ASP B 102 11.14 1.87 16.65
N TYR B 103 10.57 1.22 17.67
CA TYR B 103 11.29 0.27 18.52
C TYR B 103 11.44 -1.07 17.82
N PHE B 104 10.39 -1.51 17.12
CA PHE B 104 10.44 -2.78 16.42
C PHE B 104 11.49 -2.73 15.35
N ILE B 105 11.81 -1.53 14.87
CA ILE B 105 12.82 -1.34 13.85
C ILE B 105 14.19 -1.37 14.49
N LYS B 106 14.33 -0.65 15.61
CA LYS B 106 15.60 -0.63 16.34
C LYS B 106 15.98 -2.06 16.71
N ALA B 107 14.96 -2.82 17.09
CA ALA B 107 15.13 -4.21 17.53
C ALA B 107 15.24 -5.23 16.42
N HIS B 108 15.36 -4.78 15.18
CA HIS B 108 15.47 -5.70 14.05
C HIS B 108 16.64 -5.23 13.21
N PRO B 109 17.88 -5.45 13.71
CA PRO B 109 19.13 -5.04 13.10
C PRO B 109 19.45 -5.76 11.79
N SER B 110 18.84 -6.92 11.60
CA SER B 110 19.05 -7.70 10.37
C SER B 110 17.82 -8.55 10.17
N PRO B 111 17.52 -8.93 8.91
CA PRO B 111 16.30 -9.66 8.59
C PRO B 111 15.87 -10.79 9.49
N ASN B 112 16.78 -11.70 9.83
CA ASN B 112 16.43 -12.86 10.67
C ASN B 112 16.81 -12.74 12.14
N VAL B 113 16.87 -11.51 12.66
CA VAL B 113 17.23 -11.30 14.05
C VAL B 113 16.28 -10.28 14.66
N LEU B 114 15.58 -10.68 15.72
CA LEU B 114 14.63 -9.79 16.38
C LEU B 114 14.84 -9.83 17.89
N TYR B 115 14.92 -8.66 18.52
CA TYR B 115 15.06 -8.59 19.97
C TYR B 115 13.67 -8.58 20.57
N VAL B 116 13.37 -9.62 21.33
CA VAL B 116 12.06 -9.76 21.91
C VAL B 116 11.91 -9.48 23.39
N GLN B 117 12.98 -9.08 24.07
CA GLN B 117 12.88 -8.78 25.49
C GLN B 117 14.03 -7.95 26.00
N VAL B 118 13.77 -7.09 26.96
CA VAL B 118 14.80 -6.25 27.56
C VAL B 118 14.40 -6.22 29.02
N GLY B 119 15.18 -6.89 29.86
CA GLY B 119 14.88 -6.92 31.26
C GLY B 119 14.64 -8.34 31.71
N ASP B 120 15.01 -8.65 32.95
CA ASP B 120 14.78 -9.99 33.48
C ASP B 120 13.49 -9.88 34.29
N GLY B 121 12.57 -10.80 34.07
CA GLY B 121 11.31 -10.73 34.78
C GLY B 121 11.40 -10.88 36.29
N ASP B 122 12.35 -11.66 36.77
CA ASP B 122 12.49 -11.85 38.21
C ASP B 122 13.24 -10.74 38.89
N ALA B 123 14.32 -10.29 38.26
CA ALA B 123 15.13 -9.22 38.81
C ALA B 123 14.30 -7.96 38.88
N ASP B 124 13.49 -7.77 37.85
CA ASP B 124 12.64 -6.60 37.73
C ASP B 124 11.48 -6.51 38.72
N HIS B 125 10.89 -7.65 39.03
CA HIS B 125 9.75 -7.69 39.92
C HIS B 125 10.12 -7.62 41.39
N LYS B 126 11.38 -7.90 41.71
CA LYS B 126 11.84 -7.85 43.08
C LYS B 126 11.98 -6.44 43.62
N TRP B 127 11.85 -5.45 42.74
CA TRP B 127 11.98 -4.05 43.14
C TRP B 127 10.71 -3.26 42.85
N TRP B 128 10.29 -2.45 43.80
CA TRP B 128 9.09 -1.65 43.63
C TRP B 128 9.50 -0.20 43.63
N GLY B 129 9.44 0.44 42.48
CA GLY B 129 9.82 1.85 42.43
C GLY B 129 9.69 2.43 41.05
N PRO B 130 9.81 3.76 40.93
CA PRO B 130 9.72 4.48 39.66
C PRO B 130 10.72 3.98 38.64
N ALA B 131 10.32 3.96 37.37
CA ALA B 131 11.17 3.47 36.28
C ALA B 131 12.34 4.39 35.97
N GLU B 132 12.31 5.59 36.52
CA GLU B 132 13.35 6.56 36.27
C GLU B 132 14.61 6.31 37.08
N VAL B 133 14.51 5.42 38.06
CA VAL B 133 15.65 5.10 38.89
C VAL B 133 15.93 3.62 39.03
N MET B 134 15.44 2.82 38.09
CA MET B 134 15.68 1.38 38.13
C MET B 134 17.16 1.12 38.33
N PRO B 135 17.54 0.50 39.45
CA PRO B 135 18.93 0.20 39.78
C PRO B 135 19.46 -1.12 39.27
N MET B 136 18.62 -2.01 38.77
CA MET B 136 19.11 -3.28 38.31
C MET B 136 19.57 -3.28 36.87
N GLU B 137 20.22 -4.37 36.46
CA GLU B 137 20.72 -4.50 35.10
C GLU B 137 19.58 -5.05 34.29
N ARG B 138 19.53 -4.66 33.02
CA ARG B 138 18.47 -5.11 32.14
C ARG B 138 19.02 -5.81 30.90
N PRO B 139 19.07 -7.15 30.91
CA PRO B 139 19.59 -7.94 29.80
C PRO B 139 18.67 -7.89 28.57
N SER B 140 19.24 -8.03 27.38
CA SER B 140 18.46 -8.02 26.15
C SER B 140 18.53 -9.42 25.57
N PHE B 141 17.39 -9.97 25.18
CA PHE B 141 17.33 -11.32 24.62
C PHE B 141 16.81 -11.26 23.20
N LYS B 142 17.05 -12.30 22.41
CA LYS B 142 16.63 -12.27 21.03
C LYS B 142 16.35 -13.64 20.49
N VAL B 143 15.90 -13.67 19.24
CA VAL B 143 15.59 -14.89 18.53
C VAL B 143 16.19 -14.75 17.14
N ASP B 144 16.82 -15.81 16.66
CA ASP B 144 17.44 -15.82 15.33
C ASP B 144 17.34 -17.25 14.81
N PRO B 145 17.94 -17.55 13.64
CA PRO B 145 17.88 -18.92 13.13
C PRO B 145 18.38 -19.99 14.11
N SER B 146 19.34 -19.62 14.95
CA SER B 146 19.91 -20.55 15.93
C SER B 146 18.87 -20.98 16.96
N CYS B 147 17.93 -20.09 17.23
CA CYS B 147 16.88 -20.37 18.19
C CYS B 147 15.78 -19.43 17.73
N PRO B 148 14.89 -19.94 16.89
CA PRO B 148 13.83 -19.13 16.28
C PRO B 148 12.64 -18.88 17.18
N GLY B 149 11.72 -18.06 16.68
CA GLY B 149 10.52 -17.73 17.41
C GLY B 149 9.49 -17.24 16.42
N SER B 150 8.78 -18.18 15.81
CA SER B 150 7.78 -17.86 14.80
C SER B 150 6.61 -17.05 15.31
N ASP B 151 6.20 -17.29 16.55
CA ASP B 151 5.07 -16.57 17.10
C ASP B 151 5.32 -15.08 17.29
N VAL B 152 6.40 -14.73 17.98
CA VAL B 152 6.73 -13.33 18.22
C VAL B 152 7.22 -12.63 16.95
N ALA B 153 7.79 -13.39 16.03
CA ALA B 153 8.28 -12.80 14.79
C ALA B 153 7.12 -12.50 13.83
N ALA B 154 6.19 -13.44 13.68
CA ALA B 154 5.04 -13.23 12.80
C ALA B 154 4.11 -12.18 13.35
N GLU B 155 4.17 -11.96 14.66
CA GLU B 155 3.32 -10.97 15.30
C GLU B 155 3.88 -9.58 15.06
N THR B 156 5.20 -9.42 15.17
CA THR B 156 5.87 -8.14 14.95
C THR B 156 5.73 -7.75 13.48
N ALA B 157 5.55 -8.75 12.63
CA ALA B 157 5.37 -8.50 11.21
C ALA B 157 3.96 -8.00 11.03
N ALA B 158 3.01 -8.71 11.63
CA ALA B 158 1.60 -8.35 11.55
C ALA B 158 1.39 -6.92 12.04
N ALA B 159 2.11 -6.57 13.09
CA ALA B 159 2.01 -5.24 13.69
C ALA B 159 2.56 -4.14 12.82
N MET B 160 3.72 -4.39 12.21
CA MET B 160 4.36 -3.40 11.34
C MET B 160 3.58 -3.27 10.06
N ALA B 161 2.96 -4.37 9.65
CA ALA B 161 2.15 -4.40 8.44
C ALA B 161 0.85 -3.65 8.68
N ALA B 162 0.12 -4.05 9.71
CA ALA B 162 -1.15 -3.43 10.03
C ALA B 162 -1.03 -1.93 10.28
N SER B 163 0.14 -1.49 10.72
CA SER B 163 0.37 -0.08 11.01
C SER B 163 0.74 0.73 9.78
N SER B 164 1.26 0.08 8.76
CA SER B 164 1.63 0.77 7.55
C SER B 164 0.36 1.23 6.85
N ILE B 165 -0.73 0.55 7.12
CA ILE B 165 -2.02 0.88 6.53
C ILE B 165 -2.54 2.17 7.13
N VAL B 166 -2.10 2.48 8.35
CA VAL B 166 -2.52 3.67 9.06
C VAL B 166 -1.71 4.89 8.64
N PHE B 167 -0.42 4.68 8.40
CA PHE B 167 0.46 5.76 7.97
C PHE B 167 0.55 5.94 6.46
N ALA B 168 0.12 4.94 5.71
CA ALA B 168 0.13 4.95 4.26
C ALA B 168 -0.08 6.29 3.58
N ASP B 169 -1.10 7.02 4.01
CA ASP B 169 -1.41 8.31 3.42
C ASP B 169 -0.61 9.46 4.02
N ASP B 170 -0.37 9.40 5.32
CA ASP B 170 0.37 10.45 6.01
C ASP B 170 1.86 10.41 5.73
N ASP B 171 2.46 9.25 5.92
CA ASP B 171 3.89 9.09 5.71
C ASP B 171 4.15 7.84 4.86
N PRO B 172 3.94 7.95 3.53
CA PRO B 172 4.09 6.81 2.62
C PRO B 172 5.46 6.18 2.66
N ALA B 173 6.47 6.97 3.02
CA ALA B 173 7.85 6.48 3.09
C ALA B 173 8.04 5.60 4.30
N TYR B 174 7.51 6.03 5.44
CA TYR B 174 7.60 5.28 6.70
C TYR B 174 6.79 4.00 6.57
N ALA B 175 5.64 4.10 5.92
CA ALA B 175 4.76 2.95 5.72
C ALA B 175 5.46 1.85 4.95
N ALA B 176 6.17 2.23 3.88
CA ALA B 176 6.88 1.26 3.06
C ALA B 176 7.99 0.59 3.83
N THR B 177 8.66 1.35 4.68
CA THR B 177 9.75 0.85 5.50
C THR B 177 9.21 -0.20 6.47
N LEU B 178 8.02 0.05 7.01
CA LEU B 178 7.41 -0.90 7.95
C LEU B 178 7.05 -2.17 7.19
N VAL B 179 6.44 -2.01 6.01
CA VAL B 179 6.06 -3.13 5.18
C VAL B 179 7.30 -3.96 4.83
N GLN B 180 8.44 -3.29 4.70
CA GLN B 180 9.70 -3.93 4.37
C GLN B 180 10.22 -4.80 5.51
N HIS B 181 10.07 -4.31 6.74
CA HIS B 181 10.52 -5.05 7.90
C HIS B 181 9.58 -6.20 8.16
N ALA B 182 8.29 -5.93 8.03
CA ALA B 182 7.24 -6.90 8.25
C ALA B 182 7.36 -8.12 7.37
N LYS B 183 7.97 -7.95 6.21
CA LYS B 183 8.15 -9.03 5.25
C LYS B 183 9.38 -9.87 5.53
N GLN B 184 10.40 -9.26 6.15
CA GLN B 184 11.61 -10.00 6.49
C GLN B 184 11.31 -10.81 7.73
N LEU B 185 10.41 -10.30 8.56
CA LEU B 185 10.02 -10.96 9.79
C LEU B 185 9.08 -12.12 9.53
N TYR B 186 8.20 -11.98 8.55
CA TYR B 186 7.28 -13.07 8.25
C TYR B 186 8.03 -14.20 7.57
N THR B 187 9.06 -13.88 6.80
CA THR B 187 9.84 -14.91 6.14
C THR B 187 10.63 -15.62 7.23
N PHE B 188 11.25 -14.84 8.10
CA PHE B 188 12.04 -15.39 9.20
C PHE B 188 11.21 -16.37 9.99
N ALA B 189 10.01 -15.96 10.38
CA ALA B 189 9.11 -16.80 11.16
C ALA B 189 8.59 -18.03 10.42
N ASP B 190 8.56 -17.95 9.10
CA ASP B 190 8.05 -19.06 8.30
C ASP B 190 9.17 -20.06 7.99
N THR B 191 10.35 -19.55 7.62
CA THR B 191 11.45 -20.43 7.29
C THR B 191 12.00 -21.17 8.51
N TYR B 192 12.15 -20.47 9.63
CA TYR B 192 12.67 -21.11 10.84
C TYR B 192 11.55 -21.22 11.87
N ARG B 193 10.99 -22.40 11.98
CA ARG B 193 9.90 -22.66 12.90
C ARG B 193 10.35 -22.85 14.34
N GLY B 194 9.53 -22.37 15.28
CA GLY B 194 9.85 -22.50 16.68
C GLY B 194 9.07 -21.61 17.61
N VAL B 195 8.93 -22.04 18.87
CA VAL B 195 8.23 -21.29 19.90
C VAL B 195 9.26 -20.41 20.60
N TYR B 196 9.04 -19.09 20.60
CA TYR B 196 10.00 -18.17 21.19
C TYR B 196 10.29 -18.37 22.66
N SER B 197 9.31 -18.85 23.41
CA SER B 197 9.49 -19.06 24.84
C SER B 197 10.44 -20.19 25.21
N ASP B 198 11.06 -20.81 24.20
CA ASP B 198 12.02 -21.88 24.42
C ASP B 198 13.41 -21.28 24.35
N CYS B 199 13.49 -20.10 23.76
CA CYS B 199 14.75 -19.41 23.58
C CYS B 199 14.96 -18.24 24.51
N VAL B 200 13.88 -17.58 24.94
CA VAL B 200 14.00 -16.47 25.86
C VAL B 200 13.29 -16.79 27.17
N PRO B 201 13.77 -16.24 28.29
CA PRO B 201 13.20 -16.54 29.62
C PRO B 201 11.91 -15.78 29.88
N ALA B 202 10.89 -16.03 29.08
CA ALA B 202 9.61 -15.35 29.27
C ALA B 202 8.52 -16.38 29.52
N GLY B 203 8.89 -17.65 29.57
CA GLY B 203 7.93 -18.72 29.76
C GLY B 203 7.07 -18.67 31.01
N ALA B 204 7.50 -17.90 32.00
CA ALA B 204 6.74 -17.78 33.24
C ALA B 204 5.85 -16.56 33.24
N PHE B 205 5.90 -15.79 32.17
CA PHE B 205 5.10 -14.58 32.09
C PHE B 205 4.22 -14.60 30.86
N TYR B 206 4.83 -14.78 29.70
CA TYR B 206 4.09 -14.81 28.44
C TYR B 206 4.54 -15.99 27.61
N ASN B 207 4.19 -17.18 28.08
CA ASN B 207 4.56 -18.41 27.41
C ASN B 207 3.67 -18.64 26.20
N SER B 208 4.25 -19.15 25.11
CA SER B 208 3.51 -19.44 23.89
C SER B 208 2.65 -20.68 24.11
N TRP B 209 1.49 -20.50 24.74
CA TRP B 209 0.60 -21.62 25.03
C TRP B 209 -0.12 -22.22 23.84
N SER B 210 -0.25 -21.48 22.75
CA SER B 210 -0.95 -21.99 21.57
C SER B 210 -0.01 -22.45 20.49
N GLY B 211 1.19 -21.91 20.48
CA GLY B 211 2.16 -22.28 19.46
C GLY B 211 2.14 -21.18 18.43
N TYR B 212 2.80 -21.37 17.30
CA TYR B 212 2.86 -20.34 16.27
C TYR B 212 1.88 -20.44 15.08
N GLN B 213 1.13 -21.53 14.97
CA GLN B 213 0.21 -21.68 13.85
C GLN B 213 -0.74 -20.49 13.69
N ASP B 214 -1.35 -20.08 14.79
CA ASP B 214 -2.27 -18.97 14.72
C ASP B 214 -1.57 -17.72 14.24
N GLU B 215 -0.31 -17.55 14.64
CA GLU B 215 0.47 -16.38 14.31
C GLU B 215 0.88 -16.33 12.84
N LEU B 216 0.90 -17.48 12.18
CA LEU B 216 1.28 -17.57 10.77
C LEU B 216 0.18 -17.12 9.82
N VAL B 217 -1.05 -17.37 10.22
CA VAL B 217 -2.24 -17.01 9.44
C VAL B 217 -2.53 -15.53 9.68
N TRP B 218 -2.48 -15.15 10.94
CA TRP B 218 -2.71 -13.79 11.37
C TRP B 218 -1.66 -12.89 10.72
N GLY B 219 -0.39 -13.28 10.79
CA GLY B 219 0.65 -12.47 10.19
C GLY B 219 0.49 -12.34 8.70
N ALA B 220 0.20 -13.46 8.03
CA ALA B 220 0.02 -13.47 6.60
C ALA B 220 -1.15 -12.62 6.17
N TYR B 221 -2.32 -12.82 6.79
CA TYR B 221 -3.49 -12.04 6.43
C TYR B 221 -3.17 -10.57 6.43
N TRP B 222 -2.48 -10.09 7.46
CA TRP B 222 -2.13 -8.68 7.55
C TRP B 222 -1.10 -8.23 6.53
N LEU B 223 -0.18 -9.10 6.14
CA LEU B 223 0.79 -8.70 5.14
C LEU B 223 0.07 -8.50 3.83
N TYR B 224 -0.97 -9.30 3.60
CA TYR B 224 -1.79 -9.23 2.41
C TYR B 224 -2.44 -7.85 2.32
N LYS B 225 -2.97 -7.38 3.42
CA LYS B 225 -3.63 -6.08 3.46
C LYS B 225 -2.67 -4.92 3.26
N ALA B 226 -1.44 -5.08 3.73
CA ALA B 226 -0.46 -4.02 3.61
C ALA B 226 0.16 -3.98 2.23
N THR B 227 0.31 -5.15 1.61
CA THR B 227 0.91 -5.22 0.29
C THR B 227 -0.12 -5.33 -0.81
N GLY B 228 -1.02 -6.29 -0.68
CA GLY B 228 -2.02 -6.52 -1.71
C GLY B 228 -1.55 -7.71 -2.52
N ASP B 229 -0.50 -8.35 -2.01
CA ASP B 229 0.10 -9.51 -2.64
C ASP B 229 -0.84 -10.68 -2.47
N ASP B 230 -1.47 -11.09 -3.55
CA ASP B 230 -2.41 -12.21 -3.50
C ASP B 230 -1.87 -13.49 -2.89
N SER B 231 -0.57 -13.69 -2.99
CA SER B 231 0.07 -14.90 -2.47
C SER B 231 0.01 -14.99 -0.95
N TYR B 232 -0.06 -13.83 -0.30
CA TYR B 232 -0.13 -13.79 1.16
C TYR B 232 -1.49 -14.31 1.61
N LEU B 233 -2.55 -13.95 0.90
CA LEU B 233 -3.87 -14.45 1.26
C LEU B 233 -3.84 -15.95 1.06
N ALA B 234 -3.18 -16.38 0.00
CA ALA B 234 -3.05 -17.81 -0.31
C ALA B 234 -2.37 -18.53 0.83
N LYS B 235 -1.42 -17.85 1.47
CA LYS B 235 -0.67 -18.39 2.58
C LYS B 235 -1.62 -18.56 3.76
N ALA B 236 -2.31 -17.47 4.09
CA ALA B 236 -3.26 -17.43 5.19
C ALA B 236 -4.28 -18.54 5.12
N GLU B 237 -5.01 -18.61 4.00
CA GLU B 237 -6.04 -19.61 3.79
C GLU B 237 -5.53 -21.05 3.82
N TYR B 238 -4.32 -21.26 3.36
CA TYR B 238 -3.74 -22.59 3.37
C TYR B 238 -3.42 -23.02 4.80
N GLU B 239 -2.85 -22.10 5.57
CA GLU B 239 -2.49 -22.39 6.95
C GLU B 239 -3.68 -22.56 7.88
N TYR B 240 -4.78 -21.87 7.59
CA TYR B 240 -5.99 -21.93 8.40
C TYR B 240 -6.39 -23.34 8.78
N ASP B 241 -6.26 -24.26 7.82
CA ASP B 241 -6.63 -25.66 8.04
C ASP B 241 -5.85 -26.42 9.08
N PHE B 242 -4.84 -25.78 9.65
CA PHE B 242 -4.02 -26.41 10.67
C PHE B 242 -4.20 -25.77 12.05
N LEU B 243 -5.19 -24.89 12.18
CA LEU B 243 -5.46 -24.25 13.45
C LEU B 243 -5.94 -25.33 14.41
N SER B 244 -5.76 -25.13 15.71
CA SER B 244 -6.16 -26.11 16.70
C SER B 244 -7.66 -26.35 16.83
N THR B 245 -8.03 -27.63 16.82
CA THR B 245 -9.42 -28.05 16.98
C THR B 245 -9.71 -28.06 18.47
N GLU B 246 -10.89 -28.52 18.87
CA GLU B 246 -11.19 -28.55 20.28
C GLU B 246 -11.51 -29.91 20.88
N GLN B 247 -10.85 -30.19 22.00
CA GLN B 247 -10.97 -31.43 22.76
C GLN B 247 -11.03 -32.75 22.01
N GLN B 248 -12.16 -33.05 21.37
CA GLN B 248 -12.30 -34.32 20.64
C GLN B 248 -12.90 -34.18 19.25
N THR B 249 -13.65 -33.11 19.01
CA THR B 249 -14.28 -32.91 17.71
C THR B 249 -13.31 -32.29 16.72
N ASP B 250 -13.73 -32.19 15.47
CA ASP B 250 -12.91 -31.59 14.44
C ASP B 250 -13.24 -30.11 14.31
N LEU B 251 -13.96 -29.60 15.29
CA LEU B 251 -14.34 -28.20 15.32
C LEU B 251 -13.16 -27.37 15.81
N ARG B 252 -12.91 -26.23 15.17
CA ARG B 252 -11.79 -25.40 15.57
C ARG B 252 -12.13 -24.70 16.87
N SER B 253 -11.15 -24.63 17.76
CA SER B 253 -11.32 -24.03 19.08
C SER B 253 -12.32 -22.89 19.09
N TYR B 254 -13.23 -22.93 20.05
CA TYR B 254 -14.26 -21.89 20.19
C TYR B 254 -14.57 -21.54 21.64
N ARG B 255 -13.81 -22.06 22.59
CA ARG B 255 -14.09 -21.78 24.00
C ARG B 255 -13.21 -20.76 24.71
N TRP B 256 -12.42 -19.99 23.96
CA TRP B 256 -11.56 -18.97 24.54
C TRP B 256 -11.83 -17.69 23.76
N THR B 257 -10.83 -16.85 23.58
CA THR B 257 -11.03 -15.61 22.83
C THR B 257 -9.68 -15.13 22.34
N ILE B 258 -9.68 -14.06 21.55
CA ILE B 258 -8.45 -13.54 21.00
C ILE B 258 -7.73 -12.67 22.02
N ALA B 259 -6.48 -12.98 22.25
CA ALA B 259 -5.65 -12.24 23.20
C ALA B 259 -4.23 -12.38 22.68
N TRP B 260 -3.27 -11.75 23.36
CA TRP B 260 -1.87 -11.78 22.95
C TRP B 260 -1.27 -13.11 22.49
N ASP B 261 -1.92 -14.23 22.74
CA ASP B 261 -1.36 -15.53 22.38
C ASP B 261 -2.05 -16.35 21.30
N ASP B 262 -3.37 -16.24 21.23
CA ASP B 262 -4.13 -17.02 20.26
C ASP B 262 -4.86 -16.07 19.33
N LYS B 263 -4.44 -16.01 18.08
CA LYS B 263 -5.07 -15.14 17.12
C LYS B 263 -6.08 -15.85 16.23
N SER B 264 -6.27 -17.13 16.47
CA SER B 264 -7.21 -17.94 15.70
C SER B 264 -8.55 -17.27 15.54
N TYR B 265 -9.09 -16.77 16.64
CA TYR B 265 -10.41 -16.15 16.65
C TYR B 265 -10.50 -14.88 15.85
N GLY B 266 -9.38 -14.20 15.67
CA GLY B 266 -9.39 -12.98 14.87
C GLY B 266 -9.49 -13.39 13.43
N THR B 267 -8.71 -14.41 13.05
CA THR B 267 -8.71 -14.90 11.67
C THR B 267 -10.06 -15.46 11.24
N TYR B 268 -10.88 -15.94 12.17
CA TYR B 268 -12.20 -16.47 11.79
C TYR B 268 -12.97 -15.32 11.18
N VAL B 269 -13.03 -14.21 11.90
CA VAL B 269 -13.75 -13.02 11.48
C VAL B 269 -13.08 -12.29 10.33
N LEU B 270 -11.75 -12.25 10.35
CA LEU B 270 -11.00 -11.56 9.30
C LEU B 270 -11.12 -12.21 7.95
N LEU B 271 -10.95 -13.53 7.89
CA LEU B 271 -11.04 -14.21 6.61
C LEU B 271 -12.47 -14.23 6.12
N ALA B 272 -13.42 -14.36 7.03
CA ALA B 272 -14.84 -14.38 6.65
C ALA B 272 -15.21 -13.05 6.04
N LYS B 273 -14.60 -11.98 6.54
CA LYS B 273 -14.85 -10.64 6.08
C LYS B 273 -14.22 -10.42 4.71
N GLU B 274 -13.10 -11.07 4.48
CA GLU B 274 -12.37 -10.92 3.22
C GLU B 274 -12.96 -11.77 2.10
N THR B 275 -12.99 -13.08 2.31
CA THR B 275 -13.50 -14.01 1.30
C THR B 275 -15.02 -14.17 1.30
N GLY B 276 -15.61 -14.28 2.49
CA GLY B 276 -17.04 -14.46 2.62
C GLY B 276 -17.40 -15.91 2.53
N LYS B 277 -16.42 -16.79 2.67
CA LYS B 277 -16.64 -18.23 2.61
C LYS B 277 -17.34 -18.76 3.84
N GLN B 278 -18.22 -19.73 3.64
CA GLN B 278 -18.98 -20.35 4.71
C GLN B 278 -18.03 -20.94 5.75
N LYS B 279 -16.93 -21.50 5.26
CA LYS B 279 -15.93 -22.13 6.11
C LYS B 279 -15.58 -21.28 7.31
N TYR B 280 -15.30 -20.00 7.07
CA TYR B 280 -14.92 -19.08 8.12
C TYR B 280 -16.12 -18.60 8.92
N ILE B 281 -17.18 -18.25 8.20
CA ILE B 281 -18.42 -17.77 8.81
C ILE B 281 -18.92 -18.71 9.89
N ASP B 282 -18.77 -20.01 9.68
CA ASP B 282 -19.19 -21.01 10.65
C ASP B 282 -18.36 -20.94 11.91
N ASP B 283 -17.06 -20.77 11.74
CA ASP B 283 -16.16 -20.70 12.89
C ASP B 283 -16.49 -19.47 13.71
N ALA B 284 -16.51 -18.31 13.07
CA ALA B 284 -16.80 -17.06 13.74
C ALA B 284 -18.14 -17.15 14.45
N ASN B 285 -19.06 -17.90 13.89
CA ASN B 285 -20.41 -18.09 14.44
C ASN B 285 -20.41 -18.95 15.70
N ARG B 286 -19.72 -20.07 15.63
CA ARG B 286 -19.65 -21.01 16.75
C ARG B 286 -18.89 -20.38 17.90
N TRP B 287 -17.88 -19.57 17.57
CA TRP B 287 -17.09 -18.89 18.58
C TRP B 287 -17.96 -17.87 19.28
N LEU B 288 -18.42 -16.86 18.54
CA LEU B 288 -19.25 -15.81 19.12
C LEU B 288 -20.56 -16.28 19.72
N ASP B 289 -20.99 -17.49 19.35
CA ASP B 289 -22.23 -18.02 19.91
C ASP B 289 -21.96 -18.49 21.33
N TYR B 290 -20.82 -19.13 21.54
CA TYR B 290 -20.45 -19.62 22.86
C TYR B 290 -20.31 -18.50 23.86
N TRP B 291 -20.11 -17.28 23.38
CA TRP B 291 -19.99 -16.12 24.25
C TRP B 291 -21.32 -15.40 24.41
N THR B 292 -22.38 -15.90 23.79
CA THR B 292 -23.68 -15.25 23.88
C THR B 292 -24.83 -16.18 24.28
N VAL B 293 -25.15 -17.13 23.42
CA VAL B 293 -26.23 -18.06 23.71
C VAL B 293 -25.70 -19.44 24.09
N GLY B 294 -24.50 -19.72 23.62
CA GLY B 294 -23.88 -20.99 23.93
C GLY B 294 -24.03 -21.93 22.77
N VAL B 295 -23.26 -23.01 22.78
CA VAL B 295 -23.30 -24.01 21.75
C VAL B 295 -23.28 -25.36 22.45
N ASN B 296 -24.21 -26.23 22.07
CA ASN B 296 -24.30 -27.56 22.64
C ASN B 296 -24.56 -27.56 24.13
N GLY B 297 -25.07 -26.45 24.65
CA GLY B 297 -25.38 -26.34 26.06
C GLY B 297 -24.28 -25.66 26.88
N GLN B 298 -23.11 -25.50 26.30
CA GLN B 298 -22.00 -24.87 26.98
C GLN B 298 -22.05 -23.38 26.67
N ARG B 299 -21.68 -22.57 27.65
CA ARG B 299 -21.70 -21.12 27.52
C ARG B 299 -20.64 -20.54 28.44
N VAL B 300 -20.02 -19.45 27.99
CA VAL B 300 -18.99 -18.79 28.77
C VAL B 300 -19.61 -18.29 30.09
N PRO B 301 -18.91 -18.48 31.21
CA PRO B 301 -19.50 -18.05 32.47
C PRO B 301 -19.95 -16.59 32.45
N TYR B 302 -21.11 -16.33 33.05
CA TYR B 302 -21.68 -14.98 33.14
C TYR B 302 -22.02 -14.79 34.61
N SER B 303 -22.01 -13.54 35.06
CA SER B 303 -22.32 -13.23 36.45
C SER B 303 -23.69 -12.57 36.47
N PRO B 304 -24.36 -12.55 37.63
CA PRO B 304 -25.69 -11.95 37.72
C PRO B 304 -25.81 -10.55 37.10
N GLY B 305 -24.69 -9.84 37.04
CA GLY B 305 -24.69 -8.49 36.51
C GLY B 305 -24.59 -8.38 35.01
N GLY B 306 -24.25 -9.46 34.33
CA GLY B 306 -24.16 -9.43 32.88
C GLY B 306 -22.79 -9.36 32.28
N MET B 307 -21.79 -9.82 33.03
CA MET B 307 -20.41 -9.80 32.58
C MET B 307 -19.98 -11.17 32.11
N ALA B 308 -19.15 -11.23 31.08
CA ALA B 308 -18.68 -12.50 30.56
C ALA B 308 -17.32 -12.72 31.18
N VAL B 309 -17.17 -13.78 31.94
CA VAL B 309 -15.91 -14.06 32.62
C VAL B 309 -15.25 -15.30 32.07
N LEU B 310 -14.08 -15.13 31.47
CA LEU B 310 -13.38 -16.24 30.87
C LEU B 310 -12.33 -16.84 31.79
N ASP B 311 -11.60 -15.99 32.49
CA ASP B 311 -10.56 -16.46 33.40
C ASP B 311 -10.41 -15.41 34.50
N THR B 312 -9.72 -15.77 35.57
CA THR B 312 -9.52 -14.87 36.70
C THR B 312 -8.57 -13.72 36.45
N TRP B 313 -7.54 -13.97 35.64
CA TRP B 313 -6.53 -12.96 35.33
C TRP B 313 -6.94 -12.13 34.13
N GLY B 314 -7.16 -10.83 34.34
CA GLY B 314 -7.53 -9.94 33.26
C GLY B 314 -8.86 -10.20 32.58
N ALA B 315 -9.87 -10.55 33.36
CA ALA B 315 -11.17 -10.84 32.80
C ALA B 315 -11.75 -9.75 31.91
N LEU B 316 -11.77 -8.50 32.36
CA LEU B 316 -12.31 -7.43 31.52
C LEU B 316 -11.62 -7.25 30.20
N ARG B 317 -10.37 -7.67 30.15
CA ARG B 317 -9.60 -7.57 28.92
C ARG B 317 -10.16 -8.58 27.94
N TYR B 318 -10.34 -9.82 28.40
CA TYR B 318 -10.89 -10.87 27.55
C TYR B 318 -12.25 -10.48 26.99
N ALA B 319 -13.12 -9.98 27.87
CA ALA B 319 -14.46 -9.56 27.46
C ALA B 319 -14.41 -8.41 26.48
N ALA B 320 -13.43 -7.54 26.65
CA ALA B 320 -13.27 -6.38 25.79
C ALA B 320 -12.76 -6.77 24.42
N ASN B 321 -11.90 -7.78 24.39
CA ASN B 321 -11.35 -8.25 23.11
C ASN B 321 -12.47 -8.86 22.30
N THR B 322 -13.35 -9.60 22.97
CA THR B 322 -14.47 -10.24 22.30
C THR B 322 -15.47 -9.22 21.84
N ALA B 323 -15.58 -8.13 22.60
CA ALA B 323 -16.52 -7.06 22.28
C ALA B 323 -16.10 -6.32 21.03
N PHE B 324 -14.81 -6.20 20.81
CA PHE B 324 -14.35 -5.51 19.62
C PHE B 324 -14.55 -6.37 18.38
N VAL B 325 -14.04 -7.59 18.43
CA VAL B 325 -14.15 -8.49 17.29
C VAL B 325 -15.61 -8.80 16.98
N ALA B 326 -16.48 -8.68 17.96
CA ALA B 326 -17.90 -8.91 17.75
C ALA B 326 -18.53 -7.76 16.96
N LEU B 327 -18.10 -6.53 17.25
CA LEU B 327 -18.63 -5.34 16.57
C LEU B 327 -18.20 -5.29 15.12
N VAL B 328 -17.09 -5.94 14.82
CA VAL B 328 -16.55 -6.00 13.46
C VAL B 328 -17.35 -7.05 12.68
N TYR B 329 -17.60 -8.18 13.31
CA TYR B 329 -18.35 -9.26 12.69
C TYR B 329 -19.80 -8.86 12.51
N ALA B 330 -20.29 -8.04 13.44
CA ALA B 330 -21.66 -7.55 13.40
C ALA B 330 -21.99 -6.79 12.13
N LYS B 331 -20.98 -6.22 11.48
CA LYS B 331 -21.18 -5.47 10.26
C LYS B 331 -21.13 -6.32 8.99
N VAL B 332 -20.38 -7.41 9.01
CA VAL B 332 -20.23 -8.25 7.82
C VAL B 332 -21.26 -9.36 7.65
N ILE B 333 -21.82 -9.83 8.77
CA ILE B 333 -22.81 -10.88 8.69
C ILE B 333 -24.17 -10.26 8.35
N ASP B 334 -24.92 -10.91 7.48
CA ASP B 334 -26.22 -10.41 7.06
C ASP B 334 -27.39 -10.77 7.95
N ASP B 335 -27.27 -11.88 8.67
CA ASP B 335 -28.31 -12.38 9.57
C ASP B 335 -28.70 -11.35 10.63
N PRO B 336 -29.93 -10.81 10.54
CA PRO B 336 -30.44 -9.78 11.47
C PRO B 336 -30.41 -10.19 12.94
N VAL B 337 -30.67 -11.46 13.21
CA VAL B 337 -30.68 -11.95 14.58
C VAL B 337 -29.27 -12.03 15.15
N ARG B 338 -28.34 -12.61 14.39
CA ARG B 338 -26.94 -12.72 14.84
C ARG B 338 -26.30 -11.35 14.94
N LYS B 339 -26.61 -10.51 13.97
CA LYS B 339 -26.09 -9.16 13.94
C LYS B 339 -26.44 -8.44 15.22
N GLN B 340 -27.72 -8.50 15.60
CA GLN B 340 -28.19 -7.83 16.82
C GLN B 340 -27.50 -8.39 18.06
N ARG B 341 -27.45 -9.71 18.14
CA ARG B 341 -26.85 -10.43 19.26
C ARG B 341 -25.41 -10.02 19.55
N TYR B 342 -24.57 -10.07 18.53
CA TYR B 342 -23.16 -9.72 18.68
C TYR B 342 -22.98 -8.26 19.04
N HIS B 343 -23.73 -7.41 18.37
CA HIS B 343 -23.64 -5.98 18.62
C HIS B 343 -24.02 -5.67 20.06
N ASP B 344 -25.17 -6.18 20.48
CA ASP B 344 -25.65 -5.93 21.84
C ASP B 344 -24.71 -6.52 22.87
N PHE B 345 -24.14 -7.69 22.58
CA PHE B 345 -23.21 -8.34 23.49
C PHE B 345 -22.01 -7.45 23.72
N ALA B 346 -21.56 -6.81 22.65
CA ALA B 346 -20.39 -5.94 22.69
C ALA B 346 -20.59 -4.68 23.49
N VAL B 347 -21.69 -3.98 23.22
CA VAL B 347 -21.98 -2.74 23.92
C VAL B 347 -22.19 -3.03 25.40
N ARG B 348 -22.82 -4.14 25.72
CA ARG B 348 -23.07 -4.50 27.10
C ARG B 348 -21.77 -4.72 27.86
N GLN B 349 -20.82 -5.39 27.23
CA GLN B 349 -19.52 -5.69 27.86
C GLN B 349 -18.63 -4.48 28.09
N ILE B 350 -18.69 -3.51 27.18
CA ILE B 350 -17.91 -2.29 27.32
C ILE B 350 -18.60 -1.45 28.37
N ASN B 351 -19.93 -1.36 28.29
CA ASN B 351 -20.71 -0.57 29.25
C ASN B 351 -20.49 -1.06 30.66
N TYR B 352 -20.28 -2.35 30.82
CA TYR B 352 -20.03 -2.93 32.15
C TYR B 352 -18.72 -2.35 32.69
N ALA B 353 -17.69 -2.33 31.85
CA ALA B 353 -16.38 -1.82 32.23
C ALA B 353 -16.35 -0.34 32.50
N LEU B 354 -17.28 0.39 31.90
CA LEU B 354 -17.34 1.83 32.09
C LEU B 354 -18.25 2.25 33.24
N GLY B 355 -18.91 1.27 33.89
CA GLY B 355 -19.76 1.63 35.01
C GLY B 355 -21.13 1.00 35.14
N ASP B 356 -21.62 0.35 34.09
CA ASP B 356 -22.94 -0.27 34.14
C ASP B 356 -22.84 -1.65 34.75
N ASN B 357 -22.60 -1.71 36.06
CA ASN B 357 -22.49 -2.99 36.75
C ASN B 357 -23.11 -2.89 38.13
N PRO B 358 -23.22 -4.02 38.86
CA PRO B 358 -23.76 -4.00 40.23
C PRO B 358 -23.07 -3.05 41.20
N ARG B 359 -21.81 -2.71 40.93
CA ARG B 359 -21.07 -1.81 41.81
C ARG B 359 -21.26 -0.37 41.38
N ASN B 360 -21.81 -0.18 40.18
CA ASN B 360 -22.05 1.15 39.66
C ASN B 360 -20.75 1.96 39.65
N SER B 361 -19.64 1.23 39.54
CA SER B 361 -18.33 1.86 39.53
C SER B 361 -17.57 1.50 38.26
N SER B 362 -16.75 2.44 37.81
CA SER B 362 -15.94 2.27 36.63
C SER B 362 -14.82 1.29 36.88
N TYR B 363 -14.14 0.90 35.82
CA TYR B 363 -13.01 -0.03 35.94
C TYR B 363 -11.86 0.53 35.13
N VAL B 364 -12.04 1.76 34.65
CA VAL B 364 -11.04 2.46 33.85
C VAL B 364 -10.57 3.54 34.80
N VAL B 365 -9.33 3.43 35.25
CA VAL B 365 -8.77 4.39 36.18
C VAL B 365 -8.91 5.80 35.64
N GLY B 366 -9.36 6.72 36.49
CA GLY B 366 -9.52 8.10 36.10
C GLY B 366 -10.76 8.41 35.31
N PHE B 367 -11.64 7.44 35.13
CA PHE B 367 -12.85 7.65 34.38
C PHE B 367 -14.07 7.11 35.09
N GLY B 368 -15.15 7.88 35.07
CA GLY B 368 -16.40 7.45 35.66
C GLY B 368 -16.64 7.67 37.13
N ASN B 369 -17.57 6.89 37.68
CA ASN B 369 -17.94 6.98 39.07
C ASN B 369 -17.20 5.90 39.84
N ASN B 370 -16.55 6.31 40.91
CA ASN B 370 -15.81 5.38 41.76
C ASN B 370 -14.79 4.53 41.01
N PRO B 371 -13.92 5.17 40.19
CA PRO B 371 -12.91 4.41 39.46
C PRO B 371 -11.84 3.90 40.41
N PRO B 372 -11.00 2.96 39.95
CA PRO B 372 -9.91 2.50 40.80
C PRO B 372 -8.94 3.64 41.08
N ARG B 373 -8.27 3.57 42.22
CA ARG B 373 -7.34 4.61 42.61
C ARG B 373 -5.96 4.04 42.87
N ASN B 374 -5.87 2.72 42.95
CA ASN B 374 -4.60 2.07 43.24
C ASN B 374 -4.34 0.83 42.41
N PRO B 375 -4.13 0.96 41.10
CA PRO B 375 -3.77 -0.22 40.31
C PRO B 375 -2.36 -0.67 40.61
N HIS B 376 -2.06 -1.91 40.29
CA HIS B 376 -0.76 -2.49 40.51
C HIS B 376 0.20 -1.92 39.47
N HIS B 377 0.70 -0.71 39.72
CA HIS B 377 1.63 -0.04 38.80
C HIS B 377 2.72 0.62 39.66
N ARG B 378 3.99 0.31 39.39
CA ARG B 378 5.10 0.86 40.17
C ARG B 378 5.33 2.36 40.08
N THR B 379 5.43 2.90 38.87
CA THR B 379 5.69 4.33 38.70
C THR B 379 4.54 5.24 39.09
N ALA B 380 3.32 4.72 38.97
CA ALA B 380 2.15 5.51 39.31
C ALA B 380 2.02 5.58 40.82
N HIS B 381 2.48 4.54 41.50
CA HIS B 381 2.44 4.48 42.95
C HIS B 381 3.39 5.50 43.51
N GLY B 382 4.62 5.50 43.02
CA GLY B 382 5.57 6.49 43.48
C GLY B 382 6.25 6.18 44.78
N SER B 383 6.34 4.91 45.09
CA SER B 383 6.98 4.48 46.31
C SER B 383 8.41 4.95 46.28
N TRP B 384 8.95 5.31 47.45
CA TRP B 384 10.32 5.75 47.53
C TRP B 384 11.08 4.90 48.51
N THR B 385 10.40 3.90 49.06
CA THR B 385 10.99 3.00 50.03
C THR B 385 11.02 1.53 49.60
N ASP B 386 10.79 1.24 48.33
CA ASP B 386 10.82 -0.14 47.86
C ASP B 386 9.76 -0.94 48.57
N SER B 387 8.56 -0.38 48.67
CA SER B 387 7.49 -1.05 49.34
C SER B 387 6.23 -0.82 48.56
N ILE B 388 5.42 -1.86 48.43
CA ILE B 388 4.17 -1.76 47.69
C ILE B 388 3.09 -1.23 48.61
N ALA B 389 3.35 -1.25 49.91
CA ALA B 389 2.38 -0.78 50.89
C ALA B 389 2.48 0.68 51.24
N SER B 390 3.66 1.28 51.10
CA SER B 390 3.82 2.70 51.39
C SER B 390 4.21 3.42 50.12
N PRO B 391 3.58 4.58 49.81
CA PRO B 391 2.47 5.22 50.52
C PRO B 391 1.17 4.45 50.30
N ALA B 392 0.13 4.80 51.04
CA ALA B 392 -1.16 4.13 50.96
C ALA B 392 -1.84 4.17 49.61
N GLU B 393 -1.96 5.37 49.05
CA GLU B 393 -2.61 5.55 47.77
C GLU B 393 -1.59 5.92 46.70
N ASN B 394 -1.82 5.49 45.47
CA ASN B 394 -0.90 5.78 44.38
C ASN B 394 -0.79 7.28 44.25
N ARG B 395 0.43 7.78 44.18
CA ARG B 395 0.68 9.22 44.07
C ARG B 395 0.33 9.78 42.71
N HIS B 396 -0.09 8.93 41.77
CA HIS B 396 -0.43 9.40 40.42
C HIS B 396 -1.70 8.75 39.88
N VAL B 397 -2.40 9.46 39.01
CA VAL B 397 -3.62 8.94 38.41
C VAL B 397 -3.30 8.46 36.99
N LEU B 398 -3.33 7.16 36.79
CA LEU B 398 -3.02 6.58 35.49
C LEU B 398 -4.29 6.55 34.64
N TYR B 399 -4.82 7.73 34.36
CA TYR B 399 -6.05 7.88 33.57
C TYR B 399 -6.09 6.93 32.40
N GLY B 400 -7.25 6.32 32.14
CA GLY B 400 -7.39 5.43 30.99
C GLY B 400 -7.13 3.95 31.13
N ALA B 401 -6.39 3.55 32.15
CA ALA B 401 -6.07 2.15 32.36
C ALA B 401 -7.23 1.30 32.80
N LEU B 402 -7.46 0.19 32.10
CA LEU B 402 -8.54 -0.74 32.40
C LEU B 402 -7.92 -1.80 33.32
N VAL B 403 -8.49 -2.03 34.49
CA VAL B 403 -7.93 -3.03 35.41
C VAL B 403 -8.44 -4.43 35.10
N GLY B 404 -7.98 -5.42 35.87
CA GLY B 404 -8.41 -6.77 35.63
C GLY B 404 -9.88 -6.92 35.89
N GLY B 405 -10.35 -6.37 37.00
CA GLY B 405 -11.75 -6.45 37.33
C GLY B 405 -12.08 -7.77 37.96
N PRO B 406 -13.37 -8.08 38.12
CA PRO B 406 -13.81 -9.34 38.71
C PRO B 406 -13.26 -10.54 37.98
N GLY B 407 -12.70 -11.47 38.74
CA GLY B 407 -12.14 -12.66 38.14
C GLY B 407 -13.03 -13.86 38.27
N SER B 408 -14.16 -13.69 38.95
CA SER B 408 -15.11 -14.77 39.14
C SER B 408 -16.48 -14.24 38.75
N PRO B 409 -17.40 -15.14 38.37
CA PRO B 409 -18.72 -14.64 37.99
C PRO B 409 -19.59 -14.20 39.18
N ASN B 410 -19.11 -13.24 39.96
CA ASN B 410 -19.88 -12.75 41.10
C ASN B 410 -19.83 -11.23 41.26
N ASP B 411 -19.34 -10.56 40.23
CA ASP B 411 -19.25 -9.10 40.21
C ASP B 411 -18.49 -8.48 41.37
N ALA B 412 -17.71 -9.29 42.10
CA ALA B 412 -16.97 -8.78 43.26
C ALA B 412 -15.63 -8.22 42.85
N TYR B 413 -15.15 -7.20 43.55
CA TYR B 413 -13.87 -6.57 43.23
C TYR B 413 -13.39 -5.66 44.36
N THR B 414 -12.09 -5.65 44.60
CA THR B 414 -11.50 -4.81 45.65
C THR B 414 -10.30 -4.07 45.11
N ASP B 415 -10.31 -2.76 45.23
CA ASP B 415 -9.23 -1.89 44.77
C ASP B 415 -8.00 -2.12 45.64
N ASP B 416 -7.36 -3.26 45.48
CA ASP B 416 -6.19 -3.60 46.26
C ASP B 416 -5.01 -3.62 45.29
N ARG B 417 -4.03 -2.76 45.54
CA ARG B 417 -2.87 -2.66 44.68
C ARG B 417 -1.99 -3.88 44.70
N GLN B 418 -2.08 -4.64 45.78
CA GLN B 418 -1.27 -5.84 45.91
C GLN B 418 -1.88 -7.03 45.22
N ASP B 419 -2.97 -6.79 44.50
CA ASP B 419 -3.68 -7.82 43.77
C ASP B 419 -3.38 -7.64 42.29
N TYR B 420 -2.28 -8.19 41.82
CA TYR B 420 -1.92 -8.07 40.40
C TYR B 420 -2.79 -8.94 39.50
N VAL B 421 -3.63 -9.78 40.10
CA VAL B 421 -4.48 -10.64 39.31
C VAL B 421 -5.76 -9.93 38.88
N ALA B 422 -6.27 -9.07 39.73
CA ALA B 422 -7.49 -8.37 39.39
C ALA B 422 -7.29 -6.89 39.27
N ASN B 423 -6.25 -6.37 39.88
CA ASN B 423 -6.02 -4.93 39.82
C ASN B 423 -4.77 -4.51 39.07
N GLU B 424 -4.39 -5.25 38.04
CA GLU B 424 -3.22 -4.85 37.29
C GLU B 424 -3.63 -4.25 35.95
N VAL B 425 -2.72 -3.50 35.34
CA VAL B 425 -2.94 -2.86 34.06
C VAL B 425 -1.90 -3.42 33.12
N ALA B 426 -2.05 -3.18 31.82
CA ALA B 426 -1.10 -3.69 30.85
C ALA B 426 -1.41 -3.15 29.46
N THR B 427 -0.42 -3.09 28.58
CA THR B 427 -0.66 -2.55 27.26
C THR B 427 -1.72 -3.31 26.48
N ASP B 428 -1.84 -4.62 26.67
CA ASP B 428 -2.82 -5.40 25.93
C ASP B 428 -4.21 -5.44 26.53
N TYR B 429 -4.38 -4.85 27.71
CA TYR B 429 -5.67 -4.80 28.37
C TYR B 429 -6.48 -3.74 27.68
N ASN B 430 -5.80 -2.66 27.31
CA ASN B 430 -6.39 -1.50 26.65
C ASN B 430 -6.41 -1.61 25.14
N ALA B 431 -5.84 -2.67 24.59
CA ALA B 431 -5.77 -2.83 23.14
C ALA B 431 -7.13 -3.10 22.52
N GLY B 432 -7.82 -4.13 22.96
CA GLY B 432 -9.12 -4.44 22.40
C GLY B 432 -10.13 -3.42 22.83
N PHE B 433 -10.01 -3.00 24.09
CA PHE B 433 -10.87 -2.02 24.72
C PHE B 433 -10.89 -0.72 23.91
N SER B 434 -9.71 -0.28 23.49
CA SER B 434 -9.58 0.94 22.71
C SER B 434 -10.21 0.86 21.33
N SER B 435 -10.13 -0.30 20.73
CA SER B 435 -10.69 -0.49 19.42
C SER B 435 -12.20 -0.49 19.46
N ALA B 436 -12.75 -1.00 20.56
CA ALA B 436 -14.19 -1.04 20.71
C ALA B 436 -14.69 0.37 20.94
N LEU B 437 -14.01 1.14 21.77
CA LEU B 437 -14.40 2.52 22.03
C LEU B 437 -14.43 3.32 20.74
N ALA B 438 -13.47 3.09 19.87
CA ALA B 438 -13.43 3.81 18.61
C ALA B 438 -14.67 3.46 17.82
N MET B 439 -15.02 2.18 17.82
CA MET B 439 -16.20 1.69 17.11
C MET B 439 -17.47 2.27 17.71
N LEU B 440 -17.49 2.44 19.04
CA LEU B 440 -18.65 2.98 19.73
C LEU B 440 -18.77 4.49 19.62
N VAL B 441 -17.65 5.20 19.50
CA VAL B 441 -17.71 6.65 19.36
C VAL B 441 -18.30 7.01 18.01
N GLU B 442 -17.96 6.23 16.99
CA GLU B 442 -18.46 6.47 15.64
C GLU B 442 -19.97 6.27 15.57
N GLU B 443 -20.46 5.29 16.33
CA GLU B 443 -21.87 4.95 16.34
C GLU B 443 -22.72 5.75 17.33
N TYR B 444 -22.24 5.89 18.56
CA TYR B 444 -23.00 6.60 19.58
C TYR B 444 -22.51 8.01 19.87
N GLY B 445 -21.28 8.31 19.47
CA GLY B 445 -20.76 9.64 19.69
C GLY B 445 -20.10 9.88 21.02
N GLY B 446 -19.81 11.15 21.31
CA GLY B 446 -19.18 11.52 22.55
C GLY B 446 -18.33 12.75 22.31
N THR B 447 -17.83 13.34 23.38
CA THR B 447 -17.00 14.53 23.24
C THR B 447 -15.82 14.49 24.20
N PRO B 448 -14.60 14.70 23.67
CA PRO B 448 -13.41 14.70 24.51
C PRO B 448 -13.41 15.91 25.42
N LEU B 449 -12.61 15.84 26.49
CA LEU B 449 -12.53 16.94 27.44
C LEU B 449 -11.62 17.99 26.87
N ALA B 450 -11.94 19.25 27.13
CA ALA B 450 -11.14 20.35 26.63
C ALA B 450 -9.90 20.55 27.49
N ASP B 451 -10.03 20.27 28.79
CA ASP B 451 -8.90 20.42 29.71
C ASP B 451 -8.36 19.06 30.17
N PHE B 452 -7.52 18.47 29.32
CA PHE B 452 -6.91 17.18 29.61
C PHE B 452 -5.63 17.11 28.82
N PRO B 453 -4.53 16.62 29.42
CA PRO B 453 -4.36 16.09 30.77
C PRO B 453 -4.27 17.16 31.85
N PRO B 454 -4.81 16.87 33.03
CA PRO B 454 -4.68 17.81 34.14
C PRO B 454 -3.27 17.64 34.68
N THR B 455 -2.56 18.74 34.90
CA THR B 455 -1.21 18.65 35.43
C THR B 455 -1.28 18.43 36.94
N GLU B 456 -0.64 17.35 37.40
CA GLU B 456 -0.62 17.01 38.81
C GLU B 456 0.39 17.87 39.52
N GLU B 457 0.19 18.04 40.82
CA GLU B 457 1.09 18.82 41.65
C GLU B 457 1.59 17.88 42.74
N PRO B 458 2.87 17.99 43.12
CA PRO B 458 3.50 17.14 44.13
C PRO B 458 2.80 17.21 45.49
N ASP B 459 2.81 16.11 46.23
CA ASP B 459 2.18 16.07 47.53
C ASP B 459 3.06 16.66 48.61
N GLY B 460 3.99 17.51 48.20
CA GLY B 460 4.89 18.14 49.14
C GLY B 460 6.24 18.38 48.51
N PRO B 461 7.28 18.58 49.32
CA PRO B 461 8.64 18.74 48.81
C PRO B 461 9.03 17.39 48.22
N GLU B 462 9.86 17.41 47.18
CA GLU B 462 10.28 16.16 46.58
C GLU B 462 11.71 15.88 47.03
N ILE B 463 12.57 16.87 46.86
CA ILE B 463 13.96 16.74 47.25
C ILE B 463 14.12 17.86 48.27
N PHE B 464 14.41 17.49 49.51
CA PHE B 464 14.55 18.48 50.56
C PHE B 464 15.51 18.05 51.66
N VAL B 465 15.65 18.90 52.67
CA VAL B 465 16.55 18.63 53.77
C VAL B 465 15.77 18.81 55.05
N GLU B 466 15.99 17.91 56.00
CA GLU B 466 15.34 18.02 57.29
C GLU B 466 16.48 18.30 58.24
N ALA B 467 16.19 18.76 59.44
CA ALA B 467 17.24 19.03 60.39
C ALA B 467 16.68 19.12 61.78
N GLN B 468 17.54 18.98 62.77
CA GLN B 468 17.14 19.07 64.16
C GLN B 468 18.41 19.29 64.97
N ILE B 469 18.28 19.78 66.19
CA ILE B 469 19.41 20.03 67.07
C ILE B 469 19.76 18.69 67.72
N ASN B 470 20.91 18.13 67.36
CA ASN B 470 21.33 16.82 67.87
C ASN B 470 21.63 16.90 69.36
N THR B 471 22.64 17.68 69.71
CA THR B 471 23.07 17.86 71.08
C THR B 471 23.09 19.37 71.28
N PRO B 472 22.53 19.88 72.37
CA PRO B 472 22.54 21.31 72.65
C PRO B 472 23.85 21.79 73.26
N GLY B 473 24.32 22.95 72.82
CA GLY B 473 25.57 23.50 73.33
C GLY B 473 25.58 25.02 73.26
N THR B 474 26.60 25.62 73.84
CA THR B 474 26.72 27.08 73.84
C THR B 474 27.93 27.57 73.08
N THR B 475 28.93 26.71 72.97
CA THR B 475 30.14 27.06 72.25
C THR B 475 30.14 26.37 70.89
N PHE B 476 29.03 25.73 70.56
CA PHE B 476 28.92 25.02 69.30
C PHE B 476 27.46 24.82 68.95
N THR B 477 27.21 24.28 67.77
CA THR B 477 25.86 23.97 67.34
C THR B 477 26.02 22.64 66.65
N GLU B 478 25.30 21.60 67.09
CA GLU B 478 25.41 20.29 66.46
C GLU B 478 24.06 19.98 65.84
N ILE B 479 24.03 19.91 64.52
CA ILE B 479 22.81 19.65 63.77
C ILE B 479 22.83 18.22 63.29
N LYS B 480 21.66 17.71 62.92
CA LYS B 480 21.54 16.34 62.41
C LYS B 480 20.65 16.53 61.19
N ALA B 481 21.28 16.75 60.04
CA ALA B 481 20.56 16.98 58.79
C ALA B 481 20.21 15.66 58.15
N MET B 482 19.23 15.70 57.26
CA MET B 482 18.78 14.49 56.59
C MET B 482 18.37 14.88 55.18
N ILE B 483 19.05 14.39 54.15
CA ILE B 483 18.68 14.73 52.76
C ILE B 483 17.65 13.70 52.31
N ARG B 484 16.59 14.16 51.66
CA ARG B 484 15.55 13.25 51.20
C ARG B 484 15.22 13.48 49.75
N ASN B 485 14.89 12.42 49.05
CA ASN B 485 14.52 12.47 47.66
C ASN B 485 13.35 11.52 47.56
N GLN B 486 12.16 12.08 47.58
CA GLN B 486 10.95 11.29 47.49
C GLN B 486 10.22 11.87 46.32
N SER B 487 10.92 12.01 45.20
CA SER B 487 10.36 12.61 44.02
C SER B 487 9.47 11.75 43.16
N GLY B 488 8.46 12.37 42.56
CA GLY B 488 7.55 11.63 41.72
C GLY B 488 6.95 12.43 40.59
N TRP B 489 7.53 13.58 40.28
CA TRP B 489 7.04 14.46 39.21
C TRP B 489 8.15 15.08 38.37
N PRO B 490 9.02 14.27 37.75
CA PRO B 490 9.16 12.80 37.77
C PRO B 490 10.16 12.36 38.82
N ALA B 491 10.30 11.05 39.03
CA ALA B 491 11.27 10.55 39.99
C ALA B 491 12.62 10.85 39.38
N ARG B 492 13.59 11.27 40.19
CA ARG B 492 14.90 11.58 39.64
C ARG B 492 16.06 11.36 40.59
N MET B 493 17.24 11.19 40.01
CA MET B 493 18.48 10.96 40.73
C MET B 493 19.10 12.25 41.23
N LEU B 494 19.82 12.13 42.34
CA LEU B 494 20.53 13.23 42.95
C LEU B 494 21.89 12.60 43.25
N ASP B 495 22.86 12.79 42.37
CA ASP B 495 24.17 12.21 42.56
C ASP B 495 25.23 13.28 42.61
N LYS B 496 24.80 14.53 42.72
CA LYS B 496 25.70 15.66 42.76
C LYS B 496 25.19 16.72 43.72
N GLY B 497 24.57 16.32 44.81
CA GLY B 497 24.05 17.29 45.75
C GLY B 497 24.96 17.73 46.88
N THR B 498 24.93 19.02 47.18
CA THR B 498 25.70 19.59 48.25
C THR B 498 24.71 20.49 48.96
N PHE B 499 24.98 20.87 50.21
CA PHE B 499 24.06 21.76 50.89
C PHE B 499 24.84 22.75 51.72
N ARG B 500 24.27 23.93 51.98
CA ARG B 500 24.97 24.94 52.76
C ARG B 500 24.24 25.36 54.00
N TYR B 501 25.00 25.80 55.00
CA TYR B 501 24.47 26.24 56.28
C TYR B 501 25.21 27.54 56.52
N TRP B 502 24.48 28.64 56.53
CA TRP B 502 25.01 29.98 56.73
C TRP B 502 24.97 30.44 58.17
N PHE B 503 26.00 31.16 58.61
CA PHE B 503 26.04 31.64 59.97
C PHE B 503 26.74 32.98 60.04
N THR B 504 26.37 33.79 61.02
CA THR B 504 26.96 35.11 61.21
C THR B 504 28.03 34.94 62.28
N LEU B 505 29.26 35.31 61.95
CA LEU B 505 30.43 35.24 62.83
C LEU B 505 30.17 36.23 63.94
N ASP B 506 30.30 35.78 65.18
CA ASP B 506 29.99 36.64 66.30
C ASP B 506 31.18 37.40 66.87
N GLU B 507 30.96 38.16 67.94
CA GLU B 507 32.03 38.96 68.54
C GLU B 507 32.98 38.16 69.39
N GLY B 508 34.25 38.12 68.99
CA GLY B 508 35.24 37.40 69.75
C GLY B 508 35.54 36.03 69.19
N VAL B 509 34.86 35.70 68.11
CA VAL B 509 35.03 34.42 67.45
C VAL B 509 35.92 34.63 66.23
N ASP B 510 37.04 33.93 66.22
CA ASP B 510 38.01 34.00 65.14
C ASP B 510 37.64 32.87 64.20
N PRO B 511 37.40 33.17 62.92
CA PRO B 511 37.03 32.13 61.95
C PRO B 511 38.08 31.04 61.81
N ALA B 512 39.31 31.35 62.19
CA ALA B 512 40.40 30.39 62.09
C ALA B 512 40.25 29.29 63.14
N ASP B 513 39.42 29.55 64.15
CA ASP B 513 39.22 28.60 65.23
C ASP B 513 37.96 27.78 65.08
N ILE B 514 37.16 28.08 64.06
CA ILE B 514 35.93 27.33 63.83
C ILE B 514 36.30 25.97 63.29
N THR B 515 35.80 24.92 63.92
CA THR B 515 36.08 23.57 63.50
C THR B 515 34.75 22.89 63.17
N VAL B 516 34.69 22.13 62.09
CA VAL B 516 33.46 21.44 61.73
C VAL B 516 33.79 19.98 61.83
N SER B 517 33.13 19.26 62.73
CA SER B 517 33.40 17.85 62.93
C SER B 517 32.14 17.01 62.88
N SER B 518 32.28 15.71 62.96
CA SER B 518 31.13 14.83 62.92
C SER B 518 31.51 13.48 63.46
N ALA B 519 30.51 12.76 63.94
CA ALA B 519 30.73 11.43 64.47
C ALA B 519 30.02 10.48 63.56
N TYR B 520 29.21 11.01 62.65
CA TYR B 520 28.47 10.20 61.69
C TYR B 520 28.07 11.09 60.54
N ASN B 521 28.59 10.80 59.37
CA ASN B 521 28.28 11.63 58.22
C ASN B 521 28.41 10.72 57.04
N GLN B 522 27.36 10.56 56.24
CA GLN B 522 27.44 9.67 55.10
C GLN B 522 28.05 10.39 53.93
N CYS B 523 28.25 11.69 54.13
CA CYS B 523 28.80 12.57 53.13
C CYS B 523 30.13 13.10 53.65
N ALA B 524 30.72 14.08 52.99
CA ALA B 524 32.01 14.59 53.46
C ALA B 524 31.89 15.53 54.63
N THR B 525 32.93 15.56 55.46
CA THR B 525 32.98 16.45 56.61
C THR B 525 34.03 17.50 56.24
N PRO B 526 33.66 18.78 56.22
CA PRO B 526 34.58 19.83 55.78
C PRO B 526 35.58 20.24 56.83
N GLU B 527 36.61 20.96 56.42
CA GLU B 527 37.64 21.41 57.35
C GLU B 527 37.48 22.84 57.77
N ASP B 528 37.19 23.71 56.81
CA ASP B 528 37.05 25.13 57.10
C ASP B 528 35.74 25.70 56.63
N VAL B 529 35.47 26.94 57.04
CA VAL B 529 34.26 27.63 56.68
C VAL B 529 34.58 28.52 55.50
N HIS B 530 33.55 29.06 54.85
CA HIS B 530 33.76 29.94 53.69
C HIS B 530 33.16 31.28 53.98
N HIS B 531 33.82 32.34 53.54
CA HIS B 531 33.34 33.69 53.77
C HIS B 531 32.61 34.22 52.55
N VAL B 532 31.44 34.81 52.77
CA VAL B 532 30.63 35.35 51.68
C VAL B 532 30.95 36.83 51.57
N SER B 533 30.54 37.58 52.58
CA SER B 533 30.81 39.00 52.65
C SER B 533 30.45 39.45 54.07
N GLY B 534 31.13 40.47 54.56
CA GLY B 534 30.83 40.95 55.91
C GLY B 534 31.09 39.90 56.95
N ASP B 535 30.07 39.60 57.75
CA ASP B 535 30.21 38.61 58.82
C ASP B 535 29.45 37.33 58.51
N LEU B 536 29.00 37.16 57.27
CA LEU B 536 28.27 35.98 56.85
C LEU B 536 29.23 34.93 56.30
N TYR B 537 29.13 33.70 56.80
CA TYR B 537 29.97 32.60 56.35
C TYR B 537 29.05 31.41 56.15
N TYR B 538 29.55 30.35 55.51
CA TYR B 538 28.77 29.14 55.33
C TYR B 538 29.65 27.89 55.44
N VAL B 539 29.03 26.77 55.79
CA VAL B 539 29.69 25.49 55.92
C VAL B 539 29.05 24.73 54.78
N GLU B 540 29.83 24.06 53.95
CA GLU B 540 29.25 23.33 52.82
C GLU B 540 29.52 21.85 52.98
N ILE B 541 28.46 21.05 52.92
CA ILE B 541 28.59 19.62 53.04
C ILE B 541 28.48 19.08 51.64
N ASP B 542 29.45 18.26 51.27
CA ASP B 542 29.55 17.67 49.94
C ASP B 542 29.07 16.23 49.83
N CYS B 543 27.98 16.00 49.10
CA CYS B 543 27.46 14.64 48.92
C CYS B 543 27.55 14.16 47.49
N THR B 544 28.31 14.85 46.65
CA THR B 544 28.43 14.42 45.26
C THR B 544 29.04 13.02 45.23
N GLY B 545 28.43 12.12 44.47
CA GLY B 545 28.95 10.76 44.39
C GLY B 545 28.03 9.78 45.07
N GLU B 546 27.18 10.29 45.94
CA GLU B 546 26.24 9.46 46.65
C GLU B 546 25.01 9.51 45.78
N LYS B 547 24.43 8.35 45.48
CA LYS B 547 23.24 8.29 44.65
C LYS B 547 22.02 8.23 45.56
N ILE B 548 21.32 9.34 45.68
CA ILE B 548 20.13 9.45 46.52
C ILE B 548 18.90 9.39 45.64
N PHE B 549 18.29 8.22 45.51
CA PHE B 549 17.12 8.07 44.66
C PHE B 549 15.93 7.42 45.34
N PRO B 550 14.71 7.74 44.87
CA PRO B 550 13.54 7.14 45.52
C PRO B 550 13.41 5.69 45.16
N GLY B 551 14.10 4.82 45.89
CA GLY B 551 13.99 3.40 45.58
C GLY B 551 14.43 2.48 46.70
N GLY B 552 14.41 2.97 47.92
CA GLY B 552 14.82 2.18 49.07
C GLY B 552 14.77 3.10 50.25
N GLN B 553 14.73 2.54 51.45
CA GLN B 553 14.69 3.36 52.65
C GLN B 553 16.05 3.98 52.93
N SER B 554 17.12 3.23 52.64
CA SER B 554 18.47 3.74 52.85
C SER B 554 18.92 4.59 51.70
N GLU B 555 18.52 4.18 50.51
CA GLU B 555 18.86 4.83 49.26
C GLU B 555 18.34 6.24 49.08
N HIS B 556 17.12 6.48 49.54
CA HIS B 556 16.52 7.80 49.36
C HIS B 556 17.01 8.88 50.30
N ARG B 557 17.88 8.58 51.24
CA ARG B 557 18.33 9.61 52.17
C ARG B 557 19.77 9.43 52.55
N ARG B 558 20.33 10.47 53.18
CA ARG B 558 21.71 10.47 53.65
C ARG B 558 21.68 11.25 54.93
N GLU B 559 22.25 10.68 56.00
CA GLU B 559 22.28 11.34 57.29
C GLU B 559 23.57 12.09 57.47
N VAL B 560 23.47 13.33 57.91
CA VAL B 560 24.64 14.16 58.12
C VAL B 560 24.57 14.82 59.47
N GLN B 561 25.52 14.48 60.34
CA GLN B 561 25.58 15.10 61.65
C GLN B 561 26.84 15.93 61.57
N PHE B 562 26.80 17.17 62.03
CA PHE B 562 27.98 18.01 61.98
C PHE B 562 27.92 19.05 63.08
N ARG B 563 29.04 19.26 63.74
CA ARG B 563 29.13 20.24 64.81
C ARG B 563 29.99 21.38 64.36
N ILE B 564 29.52 22.61 64.57
CA ILE B 564 30.31 23.76 64.20
C ILE B 564 30.62 24.35 65.55
N ALA B 565 31.87 24.25 65.97
CA ALA B 565 32.29 24.75 67.25
C ALA B 565 33.03 26.05 67.05
N GLY B 566 32.68 27.07 67.81
CA GLY B 566 33.35 28.34 67.66
C GLY B 566 33.98 28.83 68.94
N GLY B 567 33.76 28.11 70.03
CA GLY B 567 34.34 28.52 71.29
C GLY B 567 33.43 29.48 72.02
N PRO B 568 33.85 29.99 73.18
CA PRO B 568 33.00 30.92 73.92
C PRO B 568 32.80 32.15 73.07
N GLY B 569 31.55 32.58 72.94
CA GLY B 569 31.25 33.73 72.13
C GLY B 569 30.34 33.33 71.00
N TRP B 570 30.33 32.03 70.70
CA TRP B 570 29.49 31.48 69.64
C TRP B 570 28.04 31.71 69.99
N ASP B 571 27.31 32.34 69.08
CA ASP B 571 25.91 32.65 69.27
C ASP B 571 25.16 32.25 67.98
N PRO B 572 24.29 31.24 68.08
CA PRO B 572 23.53 30.75 66.94
C PRO B 572 22.25 31.52 66.67
N SER B 573 21.97 32.52 67.49
CA SER B 573 20.75 33.28 67.36
C SER B 573 20.73 34.27 66.22
N ASN B 574 21.89 34.62 65.69
CA ASN B 574 21.93 35.56 64.57
C ASN B 574 22.34 34.88 63.28
N ASP B 575 22.30 33.56 63.29
CA ASP B 575 22.69 32.74 62.14
C ASP B 575 21.48 32.49 61.24
N TRP B 576 21.72 32.49 59.94
CA TRP B 576 20.67 32.28 58.95
C TRP B 576 20.03 30.90 59.04
N SER B 577 20.78 29.86 58.68
CA SER B 577 20.23 28.52 58.69
C SER B 577 19.76 27.94 59.99
N PHE B 578 20.02 28.61 61.09
CA PHE B 578 19.62 28.11 62.40
C PHE B 578 18.13 28.37 62.66
N GLN B 579 17.52 29.20 61.82
CA GLN B 579 16.11 29.55 61.94
C GLN B 579 15.13 28.42 61.71
N GLY B 580 14.20 28.26 62.64
CA GLY B 580 13.18 27.24 62.49
C GLY B 580 13.60 25.82 62.78
N ILE B 581 14.81 25.64 63.29
CA ILE B 581 15.31 24.31 63.61
C ILE B 581 15.01 24.07 65.08
N GLY B 582 14.34 22.94 65.35
CA GLY B 582 13.97 22.60 66.71
C GLY B 582 14.58 21.31 67.16
N ASN B 583 13.87 20.56 68.01
CA ASN B 583 14.38 19.30 68.51
C ASN B 583 13.75 18.13 67.79
N GLU B 584 12.87 18.44 66.85
CA GLU B 584 12.20 17.40 66.08
C GLU B 584 12.66 17.52 64.64
N LEU B 585 12.86 16.39 63.98
CA LEU B 585 13.30 16.40 62.60
C LEU B 585 12.14 16.90 61.76
N ALA B 586 12.36 18.02 61.08
CA ALA B 586 11.33 18.59 60.23
C ALA B 586 12.06 19.36 59.15
N PRO B 587 11.42 19.63 58.01
CA PRO B 587 12.05 20.38 56.93
C PRO B 587 12.72 21.65 57.42
N ALA B 588 13.94 21.91 56.94
CA ALA B 588 14.71 23.09 57.32
C ALA B 588 14.76 24.04 56.14
N PRO B 589 14.02 25.15 56.20
CA PRO B 589 13.90 26.03 55.04
C PRO B 589 15.08 26.94 54.73
N TYR B 590 16.00 27.08 55.68
CA TYR B 590 17.13 27.97 55.47
C TYR B 590 18.45 27.26 55.29
N ILE B 591 18.37 25.99 54.96
CA ILE B 591 19.54 25.19 54.67
C ILE B 591 19.26 24.89 53.22
N VAL B 592 20.09 25.44 52.34
CA VAL B 592 19.89 25.26 50.91
C VAL B 592 20.58 24.01 50.38
N LEU B 593 19.84 23.25 49.57
CA LEU B 593 20.34 22.04 48.95
C LEU B 593 20.58 22.37 47.48
N TYR B 594 21.68 21.86 46.93
CA TYR B 594 22.02 22.11 45.53
C TYR B 594 22.13 20.81 44.78
N ASP B 595 21.91 20.89 43.48
CA ASP B 595 22.01 19.73 42.61
C ASP B 595 22.98 20.26 41.59
N ASP B 596 24.25 19.93 41.76
CA ASP B 596 25.29 20.41 40.86
C ASP B 596 25.29 21.92 40.77
N GLY B 597 25.16 22.60 41.90
CA GLY B 597 25.19 24.05 41.89
C GLY B 597 23.86 24.76 41.73
N VAL B 598 22.85 24.04 41.28
CA VAL B 598 21.53 24.63 41.10
C VAL B 598 20.68 24.38 42.35
N PRO B 599 20.13 25.45 42.94
CA PRO B 599 19.30 25.33 44.13
C PRO B 599 18.05 24.52 43.90
N VAL B 600 17.73 23.64 44.85
CA VAL B 600 16.55 22.81 44.76
C VAL B 600 15.71 22.96 46.02
N TRP B 601 16.31 23.45 47.11
CA TRP B 601 15.59 23.61 48.37
C TRP B 601 16.10 24.78 49.20
N GLY B 602 15.21 25.43 49.93
CA GLY B 602 15.58 26.55 50.78
C GLY B 602 15.90 27.87 50.12
N THR B 603 15.98 28.92 50.94
CA THR B 603 16.31 30.25 50.45
C THR B 603 17.63 30.68 51.07
N ALA B 604 18.49 31.29 50.26
CA ALA B 604 19.78 31.76 50.74
C ALA B 604 19.62 33.21 51.21
N PRO B 605 20.61 33.72 51.95
CA PRO B 605 20.59 35.10 52.44
C PRO B 605 20.82 36.09 51.31
C2 BGC C . -3.38 -14.39 -25.15
C3 BGC C . -3.18 -15.88 -24.97
C4 BGC C . -3.75 -16.32 -23.64
C5 BGC C . -5.21 -15.88 -23.52
C6 BGC C . -5.75 -16.13 -22.13
C1 BGC C . -4.86 -14.07 -25.02
O1 BGC C . -5.07 -12.70 -25.13
O2 BGC C . -2.91 -13.99 -26.42
O3 BGC C . -1.80 -16.19 -25.01
O4 BGC C . -3.68 -17.75 -23.53
O5 BGC C . -5.33 -14.46 -23.73
O6 BGC C . -5.07 -15.33 -21.18
C2 BGC C . -2.96 -19.65 -22.22
C3 BGC C . -1.90 -20.10 -21.24
C4 BGC C . -0.53 -19.92 -21.84
C5 BGC C . -0.36 -18.45 -22.28
C6 BGC C . 0.94 -18.17 -22.98
C1 BGC C . -2.71 -18.20 -22.58
O2 BGC C . -4.24 -19.78 -21.63
O3 BGC C . -2.09 -21.47 -20.90
O4 BGC C . 0.48 -20.24 -20.86
O5 BGC C . -1.41 -18.07 -23.18
O6 BGC C . 1.07 -18.96 -24.17
C2 BGC C . 2.51 -21.35 -20.32
C3 BGC C . 3.39 -22.52 -20.69
C4 BGC C . 2.62 -23.78 -20.50
C5 BGC C . 1.34 -23.75 -21.33
C6 BGC C . 0.48 -24.92 -20.96
C1 BGC C . 1.30 -21.34 -21.23
O2 BGC C . 3.25 -20.15 -20.49
O3 BGC C . 4.52 -22.53 -19.84
O4 BGC C . 3.44 -24.87 -20.90
O5 BGC C . 0.56 -22.57 -21.04
O6 BGC C . 0.25 -24.94 -19.56
C2 BGC D . -1.60 -12.30 31.08
C3 BGC D . -2.54 -13.49 31.07
C4 BGC D . -1.74 -14.76 31.27
C5 BGC D . -0.93 -14.66 32.55
C6 BGC D . -0.04 -15.86 32.78
C1 BGC D . -0.84 -12.29 32.40
O1 BGC D . 0.05 -11.21 32.45
O2 BGC D . -2.34 -11.10 30.92
O3 BGC D . -3.24 -13.52 29.85
O4 BGC D . -2.64 -15.88 31.36
O5 BGC D . -0.08 -13.49 32.53
O6 BGC D . 0.85 -16.05 31.68
C2 BGC D . -3.25 -18.08 30.61
C3 BGC D . -3.16 -19.02 29.44
C4 BGC D . -3.73 -18.36 28.20
C5 BGC D . -3.08 -17.01 27.96
C6 BGC D . -3.70 -16.23 26.83
C1 BGC D . -2.53 -16.79 30.27
O2 BGC D . -2.66 -18.69 31.74
O3 BGC D . -3.88 -20.20 29.75
O4 BGC D . -3.50 -19.19 27.06
O5 BGC D . -3.16 -16.18 29.15
O6 BGC D . -5.06 -15.90 27.11
C2 BGC D . -4.37 -20.19 25.05
C3 BGC D . -5.64 -20.69 24.41
C4 BGC D . -6.25 -21.77 25.30
C5 BGC D . -6.44 -21.27 26.72
C6 BGC D . -6.79 -22.41 27.64
C1 BGC D . -4.69 -19.65 26.43
O2 BGC D . -3.82 -19.17 24.24
O3 BGC D . -5.35 -21.21 23.14
O4 BGC D . -7.50 -22.14 24.76
O5 BGC D . -5.23 -20.69 27.24
O6 BGC D . -5.70 -23.31 27.75
C2 BGC E . -11.94 -7.42 -25.74
C3 BGC E . -10.79 -8.24 -26.29
C4 BGC E . -10.49 -9.34 -25.28
C5 BGC E . -11.76 -10.17 -25.02
C6 BGC E . -11.57 -11.18 -23.90
C1 BGC E . -13.14 -8.32 -25.64
O1 BGC E . -14.26 -7.59 -25.26
O2 BGC E . -12.20 -6.30 -26.60
O3 BGC E . -9.66 -7.42 -26.48
O4 BGC E . -9.45 -10.16 -25.76
O5 BGC E . -12.88 -9.32 -24.64
O6 BGC E . -11.23 -10.54 -22.68
CA CA F . 7.60 -16.50 -17.40
CA CA G . -38.64 34.97 -45.02
C2 BGC H . 4.63 -7.86 39.07
C3 BGC H . 3.50 -8.01 38.10
C4 BGC H . 3.45 -9.44 37.61
C5 BGC H . 3.29 -10.39 38.80
C6 BGC H . 3.29 -11.86 38.45
C1 BGC H . 4.41 -8.83 40.21
O1 BGC H . 5.44 -8.72 41.13
O2 BGC H . 4.65 -6.52 39.57
O3 BGC H . 3.70 -7.12 37.02
O4 BGC H . 2.38 -9.60 36.68
O5 BGC H . 4.37 -10.17 39.74
O6 BGC H . 4.57 -12.30 38.01
CA CA I . -0.24 -18.42 18.90
CA CA J . 26.29 34.01 65.21
#